data_6Z2N
#
_entry.id   6Z2N
#
_cell.length_a   86.240
_cell.length_b   156.625
_cell.length_c   77.492
_cell.angle_alpha   90.000
_cell.angle_beta   90.000
_cell.angle_gamma   90.000
#
_symmetry.space_group_name_H-M   'P 21 21 2'
#
loop_
_entity.id
_entity.type
_entity.pdbx_description
1 polymer 'Ferric enterobactin receptor'
2 non-polymer 1,2-ETHANEDIOL
3 non-polymer BCV-L6
4 non-polymer 'FE (III) ION'
#
_entity_poly.entity_id   1
_entity_poly.type   'polypeptide(L)'
_entity_poly.pdbx_seq_one_letter_code
;GAMAGQGDGSVIELGEQTVVATAQEETKQAPGVSIITAEDIAKRPPSNDLSQIIRTMPGVNLTGNSSSGQRGNNRQIDIR
GMGPENTLILVDGKPVSSRNSVRYGWRGERDSRGDTNWVPADQVERIEVIRGPAAARYGNGAAGGVVNIITKQAGAETHG
NLSVYSNFPQHKAEGASERMSFGLNGPLTENLSYRVYGNIAKTDSDDWDINAGHESNRTGKQAGTLPAGREGVRNKDIDG
LLSWRLTPEQTLEFEAGFSRQGNIYTGDTQNTNSNNYVKQMLGHETNRMYRETYSVTHRGEWDFGSSLAYLQYEKTRNSR
INEGLAGGTEGIFDPNNAGFYTATLRDLTAHGEVNLPLHLGYEQTLTLGSEWTEQKLDDPSSNTQNTEEGGSIPGLAGKN
RSSSSSARIFSLFAEDNIELMPGTMLTPGLRWDHHDIVGDNWSPSLNLSHALTERVTLKAGIARAYKAPNLYQLNPDYLL
YSRGQGCYGQSTSCYLRGNDGLKAETSVNKELGIEYSHDGLVAGLTYFRNDYKNKIESGLSPVDHASGGKGDYANAAIYQ
WENVPKAVVEGLEGTLTLPLADGLKWSNNLTYMLQSKNKETGDVLSVTPRYTLNSMLDWQATDDLSLQATVTWYGKQKPK
KYDYHGDRVTGSANDQLSPYAIAGLGGTYRLSKNLSLGAGVDNLFDKRLFRAGNAQGVVGIDGAGAATYNEPGRTFYTSL
TASF
;
_entity_poly.pdbx_strand_id   AAA
#
loop_
_chem_comp.id
_chem_comp.type
_chem_comp.name
_chem_comp.formula
EDO non-polymer 1,2-ETHANEDIOL 'C2 H6 O2'
FE non-polymer 'FE (III) ION' 'Fe 3'
Q5N non-polymer BCV-L6 'C41 H47 F N10 O12'
#
# COMPACT_ATOMS: atom_id res chain seq x y z
N THR A 27 0.73 16.57 19.09
CA THR A 27 1.34 16.92 17.77
C THR A 27 1.04 15.81 16.77
N LYS A 28 1.45 16.00 15.51
CA LYS A 28 1.08 15.13 14.36
C LYS A 28 2.21 14.16 14.06
N GLN A 29 3.39 14.37 14.67
CA GLN A 29 4.51 13.39 14.66
C GLN A 29 5.04 13.19 16.09
N ALA A 30 5.05 11.94 16.56
CA ALA A 30 5.99 11.37 17.55
C ALA A 30 6.85 10.32 16.86
N PRO A 31 7.88 9.82 17.56
CA PRO A 31 8.71 8.74 17.03
C PRO A 31 7.95 7.45 16.70
N GLY A 32 7.93 7.13 15.42
CA GLY A 32 7.31 5.90 14.89
C GLY A 32 5.97 6.17 14.23
N VAL A 33 5.31 7.29 14.59
CA VAL A 33 3.85 7.48 14.37
C VAL A 33 3.62 8.85 13.71
N SER A 34 2.61 8.88 12.86
CA SER A 34 2.12 10.14 12.23
C SER A 34 0.60 10.14 12.23
N ILE A 35 0.00 11.27 12.56
CA ILE A 35 -1.43 11.51 12.29
C ILE A 35 -1.54 12.49 11.14
N ILE A 36 -2.36 12.15 10.15
CA ILE A 36 -2.95 13.12 9.18
C ILE A 36 -4.36 13.45 9.64
N THR A 37 -4.68 14.73 9.78
CA THR A 37 -6.02 15.22 10.20
C THR A 37 -6.90 15.50 8.98
N ALA A 38 -8.17 15.79 9.23
CA ALA A 38 -9.12 16.22 8.19
C ALA A 38 -8.70 17.60 7.69
N GLU A 39 -8.29 18.46 8.62
CA GLU A 39 -7.68 19.76 8.31
C GLU A 39 -6.54 19.58 7.30
N ASP A 40 -5.62 18.64 7.59
CA ASP A 40 -4.46 18.31 6.71
C ASP A 40 -4.95 17.91 5.32
N ILE A 41 -5.88 16.96 5.25
CA ILE A 41 -6.41 16.47 3.95
C ILE A 41 -7.06 17.64 3.21
N ALA A 42 -7.76 18.50 3.97
CA ALA A 42 -8.48 19.64 3.40
C ALA A 42 -7.50 20.57 2.68
N LYS A 43 -6.30 20.72 3.25
CA LYS A 43 -5.43 21.88 2.94
C LYS A 43 -4.43 21.46 1.87
N ARG A 44 -4.21 20.15 1.74
CA ARG A 44 -3.41 19.57 0.65
C ARG A 44 -4.20 18.45 -0.01
N PRO A 45 -5.25 18.79 -0.76
CA PRO A 45 -6.20 17.79 -1.26
C PRO A 45 -5.52 16.81 -2.19
N PRO A 46 -5.71 15.49 -1.95
CA PRO A 46 -5.36 14.48 -2.94
C PRO A 46 -6.26 14.51 -4.18
N SER A 47 -5.68 14.22 -5.34
CA SER A 47 -6.42 14.07 -6.62
C SER A 47 -7.63 13.18 -6.42
N ASN A 48 -7.38 11.95 -5.97
CA ASN A 48 -8.41 10.90 -5.82
C ASN A 48 -7.97 9.95 -4.70
N ASP A 49 -6.89 9.21 -4.95
CA ASP A 49 -6.32 8.21 -3.99
C ASP A 49 -5.59 8.92 -2.83
N LEU A 50 -5.77 8.42 -1.61
CA LEU A 50 -5.19 9.01 -0.38
C LEU A 50 -3.66 8.85 -0.39
N SER A 51 -3.15 7.87 -1.14
CA SER A 51 -1.71 7.57 -1.19
C SER A 51 -0.95 8.89 -1.31
N GLN A 52 -1.56 9.81 -2.05
CA GLN A 52 -0.91 11.09 -2.40
C GLN A 52 -0.48 11.84 -1.14
N ILE A 53 -1.33 11.84 -0.11
CA ILE A 53 -1.08 12.62 1.14
C ILE A 53 -0.42 11.69 2.16
N ILE A 54 -0.83 10.41 2.18
CA ILE A 54 -0.28 9.43 3.16
C ILE A 54 1.23 9.40 2.99
N ARG A 55 1.73 9.53 1.76
CA ARG A 55 3.14 9.27 1.39
C ARG A 55 4.09 10.37 1.89
N THR A 56 3.55 11.46 2.43
CA THR A 56 4.34 12.63 2.86
C THR A 56 4.73 12.47 4.32
N MET A 57 4.27 11.41 4.96
CA MET A 57 4.65 11.11 6.36
C MET A 57 6.10 10.63 6.36
N PRO A 58 6.85 10.99 7.41
CA PRO A 58 8.11 10.32 7.70
C PRO A 58 8.00 8.82 7.49
N GLY A 59 9.03 8.25 6.88
CA GLY A 59 9.23 6.79 6.80
C GLY A 59 8.38 6.19 5.70
N VAL A 60 7.68 7.01 4.94
CA VAL A 60 6.72 6.47 3.94
C VAL A 60 7.22 6.83 2.55
N ASN A 61 7.23 5.86 1.65
CA ASN A 61 7.52 6.09 0.22
C ASN A 61 6.32 5.61 -0.60
N LEU A 62 6.29 5.99 -1.87
CA LEU A 62 5.34 5.46 -2.87
C LEU A 62 6.14 4.69 -3.91
N THR A 63 6.04 3.36 -3.87
CA THR A 63 7.05 2.47 -4.48
C THR A 63 6.34 1.21 -5.01
N GLY A 64 7.04 0.42 -5.81
CA GLY A 64 6.64 -0.97 -6.13
C GLY A 64 7.01 -1.91 -5.01
N ASN A 65 6.69 -3.19 -5.16
CA ASN A 65 7.07 -4.23 -4.20
C ASN A 65 8.44 -4.82 -4.57
N SER A 66 8.99 -4.46 -5.72
CA SER A 66 10.15 -5.15 -6.34
C SER A 66 10.91 -4.17 -7.22
N SER A 67 12.12 -4.59 -7.60
CA SER A 67 13.06 -3.82 -8.43
C SER A 67 12.72 -3.93 -9.92
N SER A 68 11.88 -4.91 -10.28
CA SER A 68 11.49 -5.22 -11.68
C SER A 68 11.16 -3.93 -12.46
N GLY A 69 10.38 -3.05 -11.84
CA GLY A 69 9.80 -1.87 -12.52
C GLY A 69 8.48 -2.21 -13.18
N GLN A 70 8.11 -3.48 -13.17
CA GLN A 70 6.84 -3.98 -13.73
C GLN A 70 5.66 -3.28 -13.06
N ARG A 71 4.69 -2.86 -13.87
CA ARG A 71 3.47 -2.17 -13.41
C ARG A 71 3.88 -0.97 -12.56
N GLY A 72 4.92 -0.26 -12.98
CA GLY A 72 5.63 0.71 -12.13
C GLY A 72 4.99 2.09 -12.06
N ASN A 73 3.87 2.29 -12.76
CA ASN A 73 2.97 3.45 -12.59
C ASN A 73 1.85 3.06 -11.64
N ASN A 74 1.90 1.85 -11.08
CA ASN A 74 0.91 1.40 -10.07
C ASN A 74 1.62 1.31 -8.72
N ARG A 75 2.16 2.41 -8.22
CA ARG A 75 2.95 2.44 -6.97
C ARG A 75 1.99 2.53 -5.79
N GLN A 76 2.40 1.97 -4.66
CA GLN A 76 1.56 1.90 -3.45
C GLN A 76 2.40 2.37 -2.26
N ILE A 77 1.77 2.46 -1.11
CA ILE A 77 2.40 3.00 0.12
C ILE A 77 3.40 1.97 0.68
N ASP A 78 4.63 2.43 0.88
CA ASP A 78 5.76 1.63 1.40
C ASP A 78 6.18 2.25 2.71
N ILE A 79 6.26 1.46 3.77
CA ILE A 79 6.79 1.95 5.06
C ILE A 79 8.23 1.42 5.24
N ARG A 80 9.17 2.35 5.36
CA ARG A 80 10.57 2.04 5.74
C ARG A 80 11.13 0.96 4.79
N GLY A 81 10.76 1.05 3.51
CA GLY A 81 11.41 0.31 2.43
C GLY A 81 11.16 -1.17 2.53
N MET A 82 10.11 -1.56 3.25
CA MET A 82 9.76 -2.98 3.49
C MET A 82 8.82 -3.46 2.38
N GLY A 83 8.31 -2.53 1.58
CA GLY A 83 7.46 -2.87 0.43
C GLY A 83 5.99 -2.79 0.81
N PRO A 84 5.11 -2.58 -0.19
CA PRO A 84 3.67 -2.40 0.04
C PRO A 84 2.89 -3.60 0.60
N GLU A 85 3.36 -4.81 0.35
CA GLU A 85 2.71 -6.04 0.89
C GLU A 85 2.91 -6.11 2.40
N ASN A 86 3.76 -5.24 2.96
CA ASN A 86 4.07 -5.24 4.41
C ASN A 86 3.48 -3.99 5.05
N THR A 87 2.62 -3.31 4.29
CA THR A 87 1.82 -2.16 4.73
C THR A 87 0.38 -2.60 4.82
N LEU A 88 -0.11 -2.76 6.05
CA LEU A 88 -1.51 -3.15 6.36
C LEU A 88 -2.40 -1.91 6.36
N ILE A 89 -3.39 -1.90 5.47
CA ILE A 89 -4.44 -0.84 5.40
C ILE A 89 -5.64 -1.26 6.26
N LEU A 90 -6.00 -0.41 7.20
CA LEU A 90 -7.26 -0.53 7.97
C LEU A 90 -8.22 0.59 7.58
N VAL A 91 -9.51 0.29 7.61
CA VAL A 91 -10.56 1.34 7.70
C VAL A 91 -11.31 1.13 9.00
N ASP A 92 -11.20 2.14 9.86
CA ASP A 92 -11.82 2.15 11.22
C ASP A 92 -11.44 0.85 11.91
N GLY A 93 -10.17 0.45 11.75
CA GLY A 93 -9.56 -0.67 12.48
C GLY A 93 -9.89 -2.03 11.86
N LYS A 94 -10.44 -2.03 10.64
CA LYS A 94 -10.90 -3.26 9.93
C LYS A 94 -10.08 -3.48 8.66
N PRO A 95 -9.35 -4.62 8.55
CA PRO A 95 -8.42 -4.84 7.46
C PRO A 95 -9.04 -4.81 6.05
N VAL A 96 -8.33 -4.16 5.14
CA VAL A 96 -8.64 -4.15 3.68
C VAL A 96 -7.71 -5.15 2.99
N SER A 97 -8.27 -6.17 2.32
CA SER A 97 -7.46 -7.26 1.75
C SER A 97 -7.67 -7.35 0.23
N SER A 98 -8.31 -6.37 -0.39
CA SER A 98 -8.87 -6.51 -1.77
C SER A 98 -7.76 -6.82 -2.79
N ARG A 99 -6.60 -6.23 -2.60
CA ARG A 99 -5.52 -6.37 -3.60
C ARG A 99 -5.03 -7.82 -3.65
N ASN A 100 -5.28 -8.61 -2.61
CA ASN A 100 -4.95 -10.06 -2.60
C ASN A 100 -5.76 -10.83 -3.65
N SER A 101 -6.74 -10.17 -4.27
CA SER A 101 -7.59 -10.79 -5.32
C SER A 101 -6.93 -10.68 -6.70
N VAL A 102 -5.82 -9.92 -6.77
CA VAL A 102 -5.07 -9.65 -8.03
C VAL A 102 -3.85 -10.57 -8.10
N ARG A 103 -3.63 -11.18 -9.27
CA ARG A 103 -2.52 -12.15 -9.43
C ARG A 103 -1.21 -11.50 -9.00
N TYR A 104 -0.52 -12.16 -8.07
CA TYR A 104 0.86 -11.88 -7.61
C TYR A 104 1.87 -12.53 -8.57
N GLY A 105 2.66 -11.70 -9.25
CA GLY A 105 3.54 -12.12 -10.36
C GLY A 105 4.92 -12.58 -9.90
N TRP A 106 5.70 -13.10 -10.86
CA TRP A 106 7.05 -13.66 -10.66
C TRP A 106 7.90 -12.69 -9.85
N ARG A 107 7.78 -11.41 -10.18
CA ARG A 107 8.68 -10.34 -9.68
C ARG A 107 8.05 -9.64 -8.47
N GLY A 108 6.95 -10.19 -7.93
CA GLY A 108 6.39 -9.76 -6.62
C GLY A 108 5.53 -8.53 -6.76
N GLU A 109 5.03 -8.28 -7.96
CA GLU A 109 4.09 -7.16 -8.26
C GLU A 109 2.74 -7.74 -8.62
N ARG A 110 1.71 -6.94 -8.36
CA ARG A 110 0.31 -7.17 -8.78
C ARG A 110 -0.08 -6.07 -9.76
N ASP A 111 -0.99 -6.36 -10.67
CA ASP A 111 -1.55 -5.33 -11.58
C ASP A 111 -2.62 -4.55 -10.81
N SER A 112 -2.25 -4.05 -9.63
CA SER A 112 -3.17 -3.45 -8.64
C SER A 112 -2.75 -2.01 -8.38
N ARG A 113 -3.74 -1.14 -8.17
CA ARG A 113 -3.50 0.28 -7.79
C ARG A 113 -3.44 0.42 -6.26
N GLY A 114 -3.48 -0.70 -5.53
CA GLY A 114 -3.37 -0.72 -4.05
C GLY A 114 -4.72 -0.54 -3.42
N ASP A 115 -4.74 -0.33 -2.11
CA ASP A 115 -5.97 -0.36 -1.29
C ASP A 115 -6.11 0.92 -0.46
N THR A 116 -5.87 2.08 -1.06
CA THR A 116 -6.01 3.38 -0.35
C THR A 116 -7.14 4.21 -0.96
N ASN A 117 -7.70 3.75 -2.08
CA ASN A 117 -8.68 4.49 -2.91
C ASN A 117 -10.10 4.01 -2.61
N TRP A 118 -10.30 3.32 -1.48
CA TRP A 118 -11.62 2.72 -1.12
C TRP A 118 -12.47 3.73 -0.34
N VAL A 119 -11.82 4.55 0.48
CA VAL A 119 -12.50 5.65 1.22
C VAL A 119 -12.22 6.96 0.51
N PRO A 120 -13.29 7.76 0.26
CA PRO A 120 -13.15 9.07 -0.36
C PRO A 120 -12.47 10.06 0.60
N ALA A 121 -11.57 10.87 0.05
CA ALA A 121 -10.73 11.82 0.81
C ALA A 121 -11.57 12.62 1.81
N ASP A 122 -12.70 13.19 1.37
CA ASP A 122 -13.35 14.29 2.13
C ASP A 122 -14.23 13.71 3.24
N GLN A 123 -14.38 12.39 3.27
CA GLN A 123 -15.17 11.73 4.34
C GLN A 123 -14.22 11.17 5.41
N VAL A 124 -12.91 11.39 5.27
CA VAL A 124 -11.91 10.88 6.24
C VAL A 124 -11.82 11.89 7.36
N GLU A 125 -11.96 11.40 8.59
CA GLU A 125 -11.69 12.17 9.82
C GLU A 125 -10.18 12.29 10.01
N ARG A 126 -9.49 11.15 10.07
CA ARG A 126 -8.02 11.16 10.20
C ARG A 126 -7.37 9.87 9.72
N ILE A 127 -6.09 9.95 9.43
CA ILE A 127 -5.27 8.76 9.06
C ILE A 127 -4.20 8.58 10.12
N GLU A 128 -4.07 7.36 10.62
CA GLU A 128 -2.98 6.99 11.54
C GLU A 128 -1.95 6.20 10.75
N VAL A 129 -0.67 6.58 10.81
CA VAL A 129 0.41 5.76 10.19
C VAL A 129 1.32 5.31 11.32
N ILE A 130 1.44 3.99 11.52
CA ILE A 130 2.18 3.40 12.68
C ILE A 130 3.28 2.51 12.10
N ARG A 131 4.55 2.86 12.31
CA ARG A 131 5.67 2.25 11.54
C ARG A 131 6.54 1.44 12.50
N GLY A 132 6.81 0.18 12.14
CA GLY A 132 7.92 -0.59 12.71
C GLY A 132 7.51 -1.34 13.97
N PRO A 133 8.27 -1.22 15.07
CA PRO A 133 8.01 -2.00 16.27
C PRO A 133 6.68 -1.68 16.96
N ALA A 134 6.18 -0.45 16.79
CA ALA A 134 4.88 0.00 17.35
C ALA A 134 3.70 -0.60 16.57
N ALA A 135 3.97 -1.19 15.40
CA ALA A 135 2.91 -1.68 14.49
C ALA A 135 2.83 -3.22 14.51
N ALA A 136 3.86 -3.88 15.01
CA ALA A 136 4.03 -5.35 14.92
C ALA A 136 2.85 -6.05 15.60
N ARG A 137 2.35 -5.45 16.69
CA ARG A 137 1.20 -5.96 17.47
C ARG A 137 0.02 -6.26 16.54
N TYR A 138 -0.16 -5.40 15.52
CA TYR A 138 -1.30 -5.51 14.59
C TYR A 138 -1.23 -6.82 13.80
N GLY A 139 -0.12 -7.56 13.96
CA GLY A 139 0.00 -8.95 13.46
C GLY A 139 0.38 -8.95 12.01
N ASN A 140 -0.42 -9.64 11.21
CA ASN A 140 -0.01 -10.20 9.91
C ASN A 140 0.04 -9.07 8.89
N GLY A 141 1.25 -8.74 8.45
CA GLY A 141 1.52 -7.88 7.30
C GLY A 141 1.64 -6.42 7.70
N ALA A 142 2.05 -6.20 8.95
CA ALA A 142 2.39 -4.88 9.53
C ALA A 142 3.90 -4.74 9.68
N ALA A 143 4.68 -5.54 8.95
CA ALA A 143 6.17 -5.55 9.02
C ALA A 143 6.74 -4.21 8.55
N GLY A 144 6.13 -3.62 7.53
CA GLY A 144 6.36 -2.21 7.16
C GLY A 144 5.73 -1.31 8.18
N GLY A 145 4.42 -1.50 8.38
CA GLY A 145 3.59 -0.67 9.27
C GLY A 145 2.11 -0.73 8.92
N VAL A 146 1.33 0.03 9.68
CA VAL A 146 -0.14 0.05 9.55
C VAL A 146 -0.53 1.47 9.17
N VAL A 147 -1.41 1.59 8.19
CA VAL A 147 -2.16 2.83 7.87
C VAL A 147 -3.60 2.55 8.25
N ASN A 148 -4.16 3.31 9.18
CA ASN A 148 -5.59 3.20 9.58
C ASN A 148 -6.32 4.44 9.13
N ILE A 149 -7.20 4.28 8.13
CA ILE A 149 -8.05 5.37 7.57
C ILE A 149 -9.32 5.47 8.42
N ILE A 150 -9.51 6.59 9.09
CA ILE A 150 -10.66 6.72 10.02
C ILE A 150 -11.69 7.66 9.39
N THR A 151 -12.95 7.24 9.40
CA THR A 151 -14.02 8.00 8.73
C THR A 151 -14.66 8.88 9.79
N LYS A 152 -15.29 9.97 9.34
CA LYS A 152 -16.07 10.87 10.20
C LYS A 152 -17.32 10.13 10.66
N GLN A 153 -17.68 10.33 11.93
CA GLN A 153 -18.80 9.65 12.63
C GLN A 153 -19.89 10.66 12.95
N ALA A 154 -21.10 10.16 13.18
CA ALA A 154 -22.27 10.93 13.70
C ALA A 154 -21.91 11.64 15.00
N GLY A 155 -22.64 12.71 15.31
CA GLY A 155 -22.37 13.57 16.48
C GLY A 155 -23.40 13.41 17.57
N ALA A 156 -23.56 14.47 18.37
CA ALA A 156 -24.71 14.68 19.26
C ALA A 156 -25.93 15.11 18.43
N GLU A 157 -25.74 16.11 17.56
CA GLU A 157 -26.73 16.59 16.55
C GLU A 157 -26.52 15.82 15.24
N THR A 158 -27.39 16.07 14.25
CA THR A 158 -27.17 15.71 12.82
C THR A 158 -26.28 16.77 12.15
N HIS A 159 -25.18 16.31 11.55
CA HIS A 159 -24.31 17.11 10.63
C HIS A 159 -24.30 16.46 9.24
N GLY A 160 -24.01 17.25 8.19
CA GLY A 160 -23.77 16.73 6.83
C GLY A 160 -22.74 17.55 6.08
N ASN A 161 -22.19 17.00 4.99
CA ASN A 161 -21.29 17.78 4.11
C ASN A 161 -21.46 17.37 2.66
N LEU A 162 -21.01 18.25 1.75
CA LEU A 162 -20.91 17.99 0.30
C LEU A 162 -19.58 18.55 -0.23
N SER A 163 -18.76 17.69 -0.82
CA SER A 163 -17.36 18.02 -1.19
C SER A 163 -17.15 17.79 -2.69
N VAL A 164 -16.47 18.73 -3.33
CA VAL A 164 -16.23 18.74 -4.80
C VAL A 164 -14.75 19.07 -5.00
N TYR A 165 -14.06 18.33 -5.85
CA TYR A 165 -12.69 18.71 -6.24
C TYR A 165 -12.52 18.42 -7.73
N SER A 166 -11.80 19.29 -8.41
CA SER A 166 -11.61 19.23 -9.87
C SER A 166 -10.24 19.81 -10.18
N ASN A 167 -9.39 19.04 -10.83
CA ASN A 167 -8.03 19.50 -11.22
C ASN A 167 -7.92 19.62 -12.75
N PHE A 168 -6.85 20.27 -13.17
CA PHE A 168 -6.68 20.82 -14.53
C PHE A 168 -5.21 20.82 -14.91
N PRO A 169 -4.70 19.69 -15.46
CA PRO A 169 -3.33 19.59 -15.90
C PRO A 169 -2.98 20.56 -17.03
N GLN A 170 -1.77 21.10 -17.00
CA GLN A 170 -1.23 22.04 -18.01
C GLN A 170 -1.08 21.30 -19.34
N HIS A 171 -0.54 20.09 -19.27
CA HIS A 171 -0.35 19.19 -20.43
C HIS A 171 -1.57 18.28 -20.51
N LYS A 172 -2.20 18.22 -21.67
CA LYS A 172 -3.51 17.54 -21.87
C LYS A 172 -3.35 16.01 -21.85
N ALA A 173 -2.16 15.52 -22.19
CA ALA A 173 -1.77 14.09 -22.06
C ALA A 173 -2.22 13.57 -20.70
N GLU A 174 -1.93 14.32 -19.65
CA GLU A 174 -1.98 13.83 -18.26
C GLU A 174 -3.44 13.84 -17.75
N GLY A 175 -3.84 12.75 -17.09
CA GLY A 175 -5.19 12.55 -16.56
C GLY A 175 -5.55 13.58 -15.49
N ALA A 176 -6.60 14.35 -15.75
CA ALA A 176 -7.30 15.21 -14.77
C ALA A 176 -8.23 14.35 -13.91
N SER A 177 -8.62 14.85 -12.74
CA SER A 177 -9.43 14.13 -11.74
C SER A 177 -10.65 14.98 -11.33
N GLU A 178 -11.77 14.32 -11.07
CA GLU A 178 -13.01 14.96 -10.58
C GLU A 178 -13.65 14.08 -9.51
N ARG A 179 -14.18 14.69 -8.45
CA ARG A 179 -14.46 13.99 -7.18
C ARG A 179 -15.64 14.71 -6.53
N MET A 180 -16.74 13.99 -6.28
CA MET A 180 -17.92 14.54 -5.59
C MET A 180 -18.30 13.54 -4.50
N SER A 181 -18.30 13.96 -3.24
CA SER A 181 -18.65 13.07 -2.09
C SER A 181 -19.65 13.79 -1.20
N PHE A 182 -20.58 13.04 -0.62
CA PHE A 182 -21.56 13.56 0.38
C PHE A 182 -21.44 12.81 1.72
N GLY A 183 -21.63 13.53 2.83
CA GLY A 183 -21.59 12.96 4.19
C GLY A 183 -22.79 13.42 5.00
N LEU A 184 -23.34 12.54 5.80
CA LEU A 184 -24.66 12.81 6.41
C LEU A 184 -24.81 11.90 7.62
N ASN A 185 -24.96 12.50 8.79
CA ASN A 185 -24.74 11.84 10.09
C ASN A 185 -25.73 12.41 11.10
N GLY A 186 -26.08 11.62 12.11
CA GLY A 186 -26.85 12.10 13.27
C GLY A 186 -27.57 10.99 14.05
N PRO A 187 -28.45 11.41 14.98
CA PRO A 187 -29.36 10.49 15.68
C PRO A 187 -30.67 10.31 14.92
N LEU A 188 -31.40 9.27 15.29
CA LEU A 188 -32.82 9.10 14.90
C LEU A 188 -33.68 8.75 16.12
N THR A 189 -33.18 7.93 17.05
CA THR A 189 -33.66 7.84 18.46
C THR A 189 -32.66 8.54 19.39
N GLU A 190 -32.89 8.48 20.70
CA GLU A 190 -31.97 9.05 21.73
C GLU A 190 -30.79 8.10 21.95
N ASN A 191 -30.89 6.89 21.38
CA ASN A 191 -29.87 5.81 21.52
C ASN A 191 -29.57 5.18 20.15
N LEU A 192 -30.31 5.56 19.10
CA LEU A 192 -29.92 5.23 17.70
C LEU A 192 -29.28 6.44 17.01
N SER A 193 -28.15 6.17 16.34
CA SER A 193 -27.43 7.08 15.42
C SER A 193 -27.22 6.40 14.06
N TYR A 194 -27.05 7.21 13.03
CA TYR A 194 -26.60 6.74 11.68
C TYR A 194 -25.48 7.62 11.12
N ARG A 195 -24.65 7.05 10.26
CA ARG A 195 -23.77 7.85 9.37
C ARG A 195 -23.70 7.21 7.98
N VAL A 196 -23.90 8.02 6.95
CA VAL A 196 -23.77 7.55 5.55
C VAL A 196 -22.84 8.50 4.81
N TYR A 197 -22.09 7.96 3.86
CA TYR A 197 -21.44 8.75 2.78
C TYR A 197 -21.64 8.08 1.43
N GLY A 198 -21.56 8.90 0.38
CA GLY A 198 -21.38 8.47 -1.00
C GLY A 198 -20.27 9.23 -1.69
N ASN A 199 -19.60 8.59 -2.65
CA ASN A 199 -18.59 9.24 -3.50
C ASN A 199 -18.83 8.81 -4.93
N ILE A 200 -18.70 9.76 -5.86
CA ILE A 200 -18.39 9.48 -7.29
C ILE A 200 -17.11 10.23 -7.67
N ALA A 201 -16.15 9.52 -8.25
CA ALA A 201 -14.88 10.13 -8.71
C ALA A 201 -14.41 9.50 -10.01
N LYS A 202 -13.67 10.27 -10.81
CA LYS A 202 -13.01 9.82 -12.05
C LYS A 202 -11.62 10.45 -12.14
N THR A 203 -10.64 9.62 -12.46
CA THR A 203 -9.27 10.08 -12.80
C THR A 203 -8.97 9.65 -14.24
N ASP A 204 -9.04 10.59 -15.17
CA ASP A 204 -8.74 10.34 -16.60
C ASP A 204 -7.38 9.64 -16.70
N SER A 205 -7.28 8.56 -17.45
CA SER A 205 -5.99 7.88 -17.72
C SER A 205 -5.10 8.85 -18.49
N ASP A 206 -3.79 8.72 -18.35
CA ASP A 206 -2.82 9.45 -19.20
C ASP A 206 -2.97 8.93 -20.63
N ASP A 207 -2.78 9.80 -21.61
CA ASP A 207 -2.85 9.43 -23.04
C ASP A 207 -1.87 8.28 -23.29
N TRP A 208 -2.26 7.38 -24.19
CA TRP A 208 -1.49 6.16 -24.54
C TRP A 208 -0.05 6.51 -24.91
N ASP A 209 0.18 7.75 -25.33
CA ASP A 209 1.43 8.14 -26.04
C ASP A 209 2.23 9.15 -25.19
N ILE A 210 1.85 9.33 -23.93
CA ILE A 210 2.43 10.39 -23.06
C ILE A 210 3.93 10.15 -22.86
N ASN A 211 4.35 8.89 -23.02
CA ASN A 211 5.74 8.46 -22.81
C ASN A 211 6.55 8.45 -24.12
N ALA A 212 5.87 8.76 -25.22
CA ALA A 212 6.44 8.74 -26.58
C ALA A 212 7.68 9.63 -26.65
N GLY A 213 8.77 9.10 -27.22
CA GLY A 213 10.06 9.80 -27.33
C GLY A 213 10.88 9.70 -26.05
N HIS A 214 10.26 9.27 -24.95
CA HIS A 214 11.02 9.01 -23.70
C HIS A 214 11.26 7.50 -23.54
N GLU A 215 10.52 6.70 -24.30
CA GLU A 215 10.61 5.22 -24.27
C GLU A 215 12.07 4.75 -24.36
N SER A 216 12.37 3.65 -23.68
CA SER A 216 13.59 2.83 -23.89
C SER A 216 13.65 2.41 -25.35
N ASN A 217 14.84 2.07 -25.82
CA ASN A 217 15.14 1.76 -27.24
C ASN A 217 14.57 0.38 -27.59
N ARG A 218 13.69 0.33 -28.59
CA ARG A 218 12.82 -0.84 -28.87
C ARG A 218 12.90 -1.21 -30.35
N THR A 219 13.42 -2.41 -30.63
CA THR A 219 13.91 -2.84 -31.96
C THR A 219 13.30 -4.20 -32.28
N GLY A 220 13.36 -4.60 -33.55
CA GLY A 220 12.82 -5.88 -34.03
C GLY A 220 11.33 -5.99 -33.83
N LYS A 221 10.88 -7.13 -33.32
CA LYS A 221 9.45 -7.39 -33.00
C LYS A 221 8.89 -6.27 -32.12
N GLN A 222 9.62 -5.92 -31.06
CA GLN A 222 9.14 -5.03 -29.97
C GLN A 222 9.25 -3.56 -30.39
N ALA A 223 9.58 -3.31 -31.66
CA ALA A 223 9.60 -1.95 -32.25
C ALA A 223 8.19 -1.35 -32.21
N GLY A 224 8.14 -0.05 -31.91
CA GLY A 224 6.91 0.74 -31.85
C GLY A 224 6.36 0.85 -30.44
N THR A 225 6.62 -0.17 -29.62
CA THR A 225 5.92 -0.44 -28.34
C THR A 225 6.20 0.72 -27.37
N LEU A 226 5.27 0.96 -26.45
CA LEU A 226 5.36 2.08 -25.47
C LEU A 226 5.17 1.54 -24.05
N PRO A 227 6.00 2.00 -23.11
CA PRO A 227 5.66 1.93 -21.70
C PRO A 227 4.57 2.94 -21.40
N ALA A 228 3.64 2.57 -20.52
CA ALA A 228 2.32 3.22 -20.41
C ALA A 228 2.40 4.28 -19.32
N GLY A 229 1.52 5.27 -19.40
CA GLY A 229 1.33 6.26 -18.33
C GLY A 229 0.43 5.73 -17.23
N ARG A 230 -0.16 6.62 -16.48
CA ARG A 230 -1.03 6.26 -15.33
C ARG A 230 -2.36 5.73 -15.86
N GLU A 231 -2.74 4.55 -15.36
CA GLU A 231 -4.11 3.98 -15.43
C GLU A 231 -5.07 5.03 -14.89
N GLY A 232 -6.23 5.19 -15.52
CA GLY A 232 -7.34 5.93 -14.91
C GLY A 232 -8.14 5.05 -14.00
N VAL A 233 -9.06 5.64 -13.26
CA VAL A 233 -10.02 4.89 -12.42
C VAL A 233 -11.33 5.66 -12.33
N ARG A 234 -12.44 4.93 -12.38
CA ARG A 234 -13.78 5.42 -11.97
C ARG A 234 -14.13 4.81 -10.61
N ASN A 235 -14.57 5.63 -9.67
CA ASN A 235 -14.95 5.20 -8.30
C ASN A 235 -16.45 5.35 -8.06
N LYS A 236 -17.05 4.40 -7.34
CA LYS A 236 -18.39 4.59 -6.70
C LYS A 236 -18.34 3.98 -5.30
N ASP A 237 -18.43 4.80 -4.26
CA ASP A 237 -18.35 4.30 -2.86
C ASP A 237 -19.64 4.72 -2.16
N ILE A 238 -20.28 3.79 -1.46
CA ILE A 238 -21.49 4.04 -0.64
C ILE A 238 -21.30 3.27 0.66
N ASP A 239 -21.34 3.97 1.78
CA ASP A 239 -21.29 3.36 3.13
C ASP A 239 -22.52 3.78 3.92
N GLY A 240 -23.04 2.85 4.71
CA GLY A 240 -24.00 3.13 5.78
C GLY A 240 -23.52 2.54 7.09
N LEU A 241 -23.72 3.27 8.19
CA LEU A 241 -23.57 2.75 9.57
C LEU A 241 -24.81 3.10 10.37
N LEU A 242 -25.22 2.15 11.23
CA LEU A 242 -26.07 2.34 12.43
C LEU A 242 -25.22 2.08 13.68
N SER A 243 -25.24 3.01 14.63
CA SER A 243 -24.72 2.78 16.01
C SER A 243 -25.88 2.58 16.99
N TRP A 244 -26.02 1.36 17.52
CA TRP A 244 -27.12 1.03 18.47
C TRP A 244 -26.56 0.99 19.91
N ARG A 245 -26.94 1.96 20.76
CA ARG A 245 -26.48 2.00 22.17
C ARG A 245 -27.64 1.56 23.06
N LEU A 246 -27.65 0.25 23.36
CA LEU A 246 -28.73 -0.44 24.09
C LEU A 246 -28.64 -0.10 25.59
N THR A 247 -27.43 0.14 26.10
CA THR A 247 -27.22 0.34 27.56
C THR A 247 -26.36 1.59 27.79
N PRO A 248 -26.32 2.13 29.04
CA PRO A 248 -25.27 3.07 29.42
C PRO A 248 -23.93 2.73 28.76
N GLU A 249 -23.55 1.46 28.84
CA GLU A 249 -22.13 1.00 28.76
C GLU A 249 -21.96 0.01 27.60
N GLN A 250 -22.92 0.00 26.68
CA GLN A 250 -22.94 -0.94 25.53
C GLN A 250 -23.37 -0.18 24.27
N THR A 251 -22.52 -0.23 23.23
CA THR A 251 -22.82 0.22 21.84
C THR A 251 -22.63 -0.94 20.85
N LEU A 252 -23.55 -1.05 19.89
CA LEU A 252 -23.51 -2.06 18.80
C LEU A 252 -23.64 -1.36 17.45
N GLU A 253 -22.62 -1.52 16.60
CA GLU A 253 -22.56 -0.85 15.28
C GLU A 253 -22.78 -1.89 14.17
N PHE A 254 -23.59 -1.53 13.18
CA PHE A 254 -23.69 -2.23 11.88
C PHE A 254 -23.28 -1.30 10.73
N GLU A 255 -22.39 -1.77 9.85
CA GLU A 255 -22.18 -1.05 8.58
C GLU A 255 -22.04 -2.01 7.42
N ALA A 256 -22.52 -1.56 6.25
CA ALA A 256 -22.25 -2.15 4.92
C ALA A 256 -21.52 -1.12 4.05
N GLY A 257 -20.55 -1.61 3.28
CA GLY A 257 -19.84 -0.81 2.27
C GLY A 257 -19.97 -1.41 0.89
N PHE A 258 -20.25 -0.58 -0.10
CA PHE A 258 -20.25 -0.97 -1.53
C PHE A 258 -19.31 -0.02 -2.27
N SER A 259 -18.22 -0.55 -2.84
CA SER A 259 -17.36 0.25 -3.74
C SER A 259 -17.20 -0.46 -5.07
N ARG A 260 -16.95 0.31 -6.12
CA ARG A 260 -16.58 -0.19 -7.48
C ARG A 260 -15.50 0.70 -8.07
N GLN A 261 -14.36 0.10 -8.42
CA GLN A 261 -13.34 0.78 -9.25
C GLN A 261 -13.30 0.07 -10.58
N GLY A 262 -13.54 0.79 -11.66
CA GLY A 262 -13.19 0.32 -13.01
C GLY A 262 -12.10 1.19 -13.60
N ASN A 263 -11.12 0.57 -14.26
CA ASN A 263 -9.95 1.30 -14.79
C ASN A 263 -10.34 1.93 -16.11
N ILE A 264 -9.50 2.84 -16.57
CA ILE A 264 -9.36 3.26 -17.99
C ILE A 264 -7.97 2.87 -18.51
N TYR A 265 -7.93 1.86 -19.37
CA TYR A 265 -6.67 1.24 -19.87
C TYR A 265 -5.90 2.28 -20.67
N THR A 266 -4.58 2.32 -20.52
CA THR A 266 -3.69 3.16 -21.39
C THR A 266 -2.42 2.41 -21.81
N GLY A 267 -2.53 1.09 -21.95
CA GLY A 267 -1.55 0.27 -22.69
C GLY A 267 -0.66 -0.55 -21.76
N ASP A 268 -0.80 -0.36 -20.45
CA ASP A 268 0.13 -0.97 -19.46
C ASP A 268 0.18 -2.47 -19.74
N THR A 269 1.37 -3.05 -19.70
CA THR A 269 1.59 -4.51 -19.72
C THR A 269 2.80 -4.81 -18.86
N GLN A 270 2.86 -6.02 -18.30
CA GLN A 270 3.97 -6.40 -17.40
C GLN A 270 5.30 -6.00 -18.05
N ASN A 271 5.52 -6.37 -19.31
CA ASN A 271 6.85 -6.27 -19.94
C ASN A 271 6.90 -5.14 -20.96
N THR A 272 5.78 -4.43 -21.16
CA THR A 272 5.69 -3.23 -22.04
C THR A 272 5.67 -3.62 -23.52
N ASN A 273 5.51 -4.92 -23.80
CA ASN A 273 5.17 -5.44 -25.15
C ASN A 273 3.71 -5.08 -25.45
N SER A 274 3.33 -5.20 -26.72
CA SER A 274 1.96 -4.92 -27.20
C SER A 274 1.45 -6.15 -27.94
N ASN A 275 0.13 -6.21 -28.11
CA ASN A 275 -0.53 -6.92 -29.23
C ASN A 275 -1.71 -6.08 -29.70
N ASN A 276 -2.61 -6.67 -30.49
CA ASN A 276 -3.76 -5.92 -31.08
C ASN A 276 -4.85 -5.70 -30.03
N TYR A 277 -5.07 -6.70 -29.16
CA TYR A 277 -6.09 -6.65 -28.11
C TYR A 277 -5.84 -5.44 -27.21
N VAL A 278 -4.58 -5.25 -26.82
CA VAL A 278 -4.12 -4.07 -26.05
C VAL A 278 -4.69 -2.81 -26.68
N LYS A 279 -4.41 -2.62 -27.97
CA LYS A 279 -4.72 -1.34 -28.65
C LYS A 279 -6.23 -1.19 -28.76
N GLN A 280 -6.93 -2.27 -29.09
CA GLN A 280 -8.41 -2.30 -29.10
C GLN A 280 -8.98 -1.68 -27.81
N MET A 281 -8.28 -1.83 -26.68
CA MET A 281 -8.90 -1.57 -25.35
C MET A 281 -8.53 -0.18 -24.87
N LEU A 282 -7.66 0.50 -25.60
CA LEU A 282 -7.15 1.83 -25.15
C LEU A 282 -8.32 2.78 -24.91
N GLY A 283 -8.49 3.19 -23.66
CA GLY A 283 -9.59 4.09 -23.26
C GLY A 283 -10.75 3.31 -22.66
N HIS A 284 -10.61 1.99 -22.60
CA HIS A 284 -11.68 1.04 -22.22
C HIS A 284 -11.41 0.46 -20.83
N GLU A 285 -12.48 -0.04 -20.23
CA GLU A 285 -12.48 -0.67 -18.89
C GLU A 285 -12.10 -2.14 -19.04
N THR A 286 -10.93 -2.52 -18.49
CA THR A 286 -10.29 -3.84 -18.72
C THR A 286 -10.15 -4.60 -17.39
N ASN A 287 -10.17 -3.88 -16.27
CA ASN A 287 -10.44 -4.46 -14.93
C ASN A 287 -11.52 -3.66 -14.20
N ARG A 288 -12.37 -4.37 -13.46
CA ARG A 288 -13.26 -3.78 -12.44
C ARG A 288 -13.09 -4.53 -11.13
N MET A 289 -12.88 -3.79 -10.05
CA MET A 289 -13.03 -4.33 -8.68
C MET A 289 -14.38 -3.91 -8.13
N TYR A 290 -15.20 -4.86 -7.70
CA TYR A 290 -16.32 -4.59 -6.77
C TYR A 290 -15.87 -5.01 -5.38
N ARG A 291 -15.95 -4.11 -4.41
CA ARG A 291 -15.56 -4.41 -3.01
C ARG A 291 -16.77 -4.18 -2.13
N GLU A 292 -17.21 -5.23 -1.46
CA GLU A 292 -18.36 -5.20 -0.51
C GLU A 292 -17.90 -5.60 0.90
N THR A 293 -18.27 -4.76 1.86
CA THR A 293 -17.97 -5.01 3.30
C THR A 293 -19.27 -4.97 4.09
N TYR A 294 -19.48 -5.96 4.96
CA TYR A 294 -20.46 -5.83 6.07
C TYR A 294 -19.71 -6.02 7.37
N SER A 295 -19.99 -5.19 8.38
CA SER A 295 -19.25 -5.26 9.67
C SER A 295 -20.23 -5.11 10.84
N VAL A 296 -20.11 -5.99 11.83
CA VAL A 296 -20.78 -5.86 13.17
C VAL A 296 -19.70 -5.60 14.21
N THR A 297 -19.88 -4.53 14.97
CA THR A 297 -18.91 -4.02 15.96
C THR A 297 -19.68 -3.75 17.25
N HIS A 298 -19.29 -4.41 18.34
CA HIS A 298 -19.86 -4.20 19.70
C HIS A 298 -18.77 -3.60 20.57
N ARG A 299 -19.07 -2.46 21.19
CA ARG A 299 -18.13 -1.62 21.97
C ARG A 299 -18.66 -1.50 23.41
N GLY A 300 -17.81 -1.81 24.38
CA GLY A 300 -18.21 -1.91 25.80
C GLY A 300 -17.32 -1.09 26.71
N GLU A 301 -17.90 -0.38 27.67
CA GLU A 301 -17.14 0.48 28.62
C GLU A 301 -17.84 0.47 29.97
N TRP A 302 -17.25 -0.24 30.94
CA TRP A 302 -17.69 -0.31 32.36
C TRP A 302 -16.50 -0.09 33.30
N ASP A 303 -16.72 -0.20 34.62
CA ASP A 303 -15.71 0.08 35.68
C ASP A 303 -14.39 -0.62 35.33
N PHE A 304 -14.43 -1.95 35.17
CA PHE A 304 -13.23 -2.84 35.07
C PHE A 304 -12.38 -2.42 33.87
N GLY A 305 -12.99 -1.74 32.91
CA GLY A 305 -12.30 -1.21 31.72
C GLY A 305 -13.20 -1.19 30.48
N SER A 306 -12.67 -1.65 29.34
CA SER A 306 -13.21 -1.40 27.98
C SER A 306 -13.17 -2.68 27.17
N SER A 307 -14.20 -2.90 26.34
CA SER A 307 -14.30 -4.09 25.45
C SER A 307 -14.55 -3.64 23.99
N LEU A 308 -14.00 -4.38 23.02
CA LEU A 308 -14.24 -4.11 21.58
C LEU A 308 -14.07 -5.40 20.78
N ALA A 309 -15.06 -5.76 19.96
CA ALA A 309 -14.99 -6.94 19.07
C ALA A 309 -15.81 -6.71 17.79
N TYR A 310 -15.32 -7.19 16.64
CA TYR A 310 -16.07 -7.03 15.37
C TYR A 310 -15.99 -8.31 14.53
N LEU A 311 -16.99 -8.43 13.66
CA LEU A 311 -17.01 -9.32 12.49
C LEU A 311 -17.04 -8.47 11.22
N GLN A 312 -16.03 -8.61 10.37
CA GLN A 312 -16.07 -8.06 8.98
C GLN A 312 -16.09 -9.21 7.97
N TYR A 313 -16.99 -9.10 6.99
CA TYR A 313 -17.01 -9.92 5.76
C TYR A 313 -16.71 -8.99 4.59
N GLU A 314 -15.54 -9.14 4.00
CA GLU A 314 -15.14 -8.42 2.77
C GLU A 314 -15.20 -9.39 1.60
N LYS A 315 -16.02 -9.08 0.57
CA LYS A 315 -16.11 -9.86 -0.68
C LYS A 315 -15.56 -9.00 -1.82
N THR A 316 -14.42 -9.38 -2.38
CA THR A 316 -13.85 -8.65 -3.54
C THR A 316 -14.07 -9.50 -4.79
N ARG A 317 -14.72 -8.91 -5.80
CA ARG A 317 -14.74 -9.49 -7.18
C ARG A 317 -13.80 -8.70 -8.10
N ASN A 318 -12.79 -9.38 -8.63
CA ASN A 318 -11.76 -8.77 -9.50
C ASN A 318 -12.03 -9.27 -10.92
N SER A 319 -12.75 -8.52 -11.74
CA SER A 319 -13.13 -8.95 -13.11
C SER A 319 -12.18 -8.27 -14.10
N ARG A 320 -11.35 -9.04 -14.81
CA ARG A 320 -10.37 -8.45 -15.72
C ARG A 320 -10.15 -9.38 -16.90
N ILE A 321 -9.67 -8.80 -18.01
CA ILE A 321 -9.36 -9.51 -19.26
C ILE A 321 -8.29 -10.55 -18.97
N ASN A 322 -8.51 -11.78 -19.43
CA ASN A 322 -7.54 -12.90 -19.30
C ASN A 322 -6.16 -12.41 -19.78
N GLU A 323 -5.10 -12.86 -19.10
CA GLU A 323 -3.70 -12.53 -19.41
C GLU A 323 -2.89 -13.83 -19.46
N GLY A 324 -1.88 -13.85 -20.33
CA GLY A 324 -0.84 -14.90 -20.35
C GLY A 324 -0.07 -15.05 -19.04
N LEU A 325 0.63 -16.18 -18.89
CA LEU A 325 1.23 -16.55 -17.60
C LEU A 325 2.65 -17.00 -17.86
N ALA A 326 3.12 -16.81 -19.10
CA ALA A 326 4.42 -17.35 -19.56
C ALA A 326 5.29 -16.24 -20.13
N GLY A 327 6.42 -15.98 -19.46
CA GLY A 327 7.56 -15.23 -20.03
C GLY A 327 7.19 -13.79 -20.29
N GLY A 328 7.44 -13.31 -21.50
CA GLY A 328 6.95 -12.01 -21.99
C GLY A 328 5.45 -11.98 -22.22
N THR A 329 4.76 -13.11 -22.09
CA THR A 329 3.27 -13.15 -22.22
C THR A 329 2.61 -13.02 -20.83
N GLU A 330 3.39 -13.14 -19.76
CA GLU A 330 2.96 -12.85 -18.38
C GLU A 330 2.48 -11.40 -18.32
N GLY A 331 1.17 -11.23 -18.14
CA GLY A 331 0.56 -9.93 -17.81
C GLY A 331 0.44 -9.06 -19.04
N ILE A 332 0.19 -9.70 -20.18
CA ILE A 332 -0.48 -9.05 -21.35
C ILE A 332 -1.81 -9.77 -21.60
N PHE A 333 -2.79 -9.03 -22.08
CA PHE A 333 -4.06 -9.61 -22.62
C PHE A 333 -3.75 -10.78 -23.55
N ASP A 334 -4.32 -11.95 -23.26
CA ASP A 334 -4.18 -13.17 -24.10
C ASP A 334 -5.26 -13.14 -25.18
N PRO A 335 -4.87 -12.96 -26.45
CA PRO A 335 -5.85 -12.91 -27.55
C PRO A 335 -6.54 -14.25 -27.86
N ASN A 336 -5.87 -15.37 -27.56
CA ASN A 336 -6.39 -16.74 -27.80
C ASN A 336 -7.67 -16.93 -26.99
N ASN A 337 -7.66 -16.34 -25.80
CA ASN A 337 -8.64 -16.61 -24.73
C ASN A 337 -9.24 -15.27 -24.32
N ALA A 338 -9.76 -14.51 -25.29
CA ALA A 338 -10.28 -13.13 -25.09
C ALA A 338 -11.50 -13.14 -24.18
N GLY A 339 -11.71 -12.04 -23.44
CA GLY A 339 -12.88 -11.83 -22.58
C GLY A 339 -12.49 -11.84 -21.12
N PHE A 340 -13.43 -11.49 -20.25
CA PHE A 340 -13.19 -11.27 -18.81
C PHE A 340 -13.23 -12.62 -18.10
N TYR A 341 -12.38 -12.80 -17.08
CA TYR A 341 -12.62 -13.75 -15.97
C TYR A 341 -12.92 -12.95 -14.71
N THR A 342 -13.32 -13.64 -13.65
CA THR A 342 -13.54 -12.99 -12.34
C THR A 342 -12.84 -13.79 -11.25
N ALA A 343 -11.94 -13.14 -10.52
CA ALA A 343 -11.35 -13.68 -9.29
C ALA A 343 -12.19 -13.20 -8.11
N THR A 344 -12.41 -14.10 -7.17
CA THR A 344 -13.27 -13.79 -6.02
C THR A 344 -12.45 -13.97 -4.75
N LEU A 345 -12.41 -12.93 -3.92
CA LEU A 345 -11.83 -12.98 -2.57
C LEU A 345 -12.97 -12.82 -1.58
N ARG A 346 -13.17 -13.84 -0.76
CA ARG A 346 -13.99 -13.75 0.47
C ARG A 346 -13.03 -13.69 1.65
N ASP A 347 -13.04 -12.56 2.35
CA ASP A 347 -12.13 -12.32 3.50
C ASP A 347 -13.00 -12.08 4.73
N LEU A 348 -12.77 -12.89 5.76
CA LEU A 348 -13.63 -12.94 6.96
C LEU A 348 -12.76 -12.61 8.17
N THR A 349 -13.13 -11.57 8.92
CA THR A 349 -12.27 -11.12 10.04
C THR A 349 -13.13 -10.93 11.29
N ALA A 350 -12.67 -11.52 12.40
CA ALA A 350 -13.31 -11.39 13.72
C ALA A 350 -12.28 -11.02 14.80
N HIS A 351 -12.64 -10.04 15.64
CA HIS A 351 -11.67 -9.38 16.56
C HIS A 351 -12.31 -9.13 17.92
N GLY A 352 -11.59 -9.55 18.97
CA GLY A 352 -11.97 -9.34 20.37
C GLY A 352 -10.82 -8.79 21.16
N GLU A 353 -11.08 -7.73 21.94
CA GLU A 353 -10.18 -7.28 23.02
C GLU A 353 -11.00 -6.81 24.22
N VAL A 354 -10.42 -7.01 25.41
CA VAL A 354 -10.72 -6.23 26.63
C VAL A 354 -9.47 -5.47 27.05
N ASN A 355 -9.68 -4.36 27.75
CA ASN A 355 -8.58 -3.58 28.37
C ASN A 355 -8.83 -3.53 29.88
N LEU A 356 -7.79 -3.75 30.68
CA LEU A 356 -7.89 -3.76 32.15
C LEU A 356 -6.78 -2.87 32.71
N PRO A 357 -7.14 -1.67 33.20
CA PRO A 357 -6.37 -1.02 34.27
C PRO A 357 -5.99 -1.96 35.42
N LEU A 358 -4.74 -1.90 35.88
CA LEU A 358 -4.24 -2.62 37.08
C LEU A 358 -3.46 -1.65 37.97
N HIS A 359 -3.96 -1.38 39.18
CA HIS A 359 -3.24 -0.58 40.21
C HIS A 359 -2.45 -1.54 41.10
N LEU A 360 -1.20 -1.80 40.72
CA LEU A 360 -0.45 -3.02 41.10
C LEU A 360 0.90 -2.60 41.68
N GLY A 361 0.90 -1.50 42.43
CA GLY A 361 2.09 -0.64 42.59
C GLY A 361 2.27 0.24 41.38
N TYR A 362 2.67 -0.36 40.26
CA TYR A 362 2.72 0.30 38.93
C TYR A 362 1.31 0.59 38.44
N GLU A 363 1.00 1.86 38.21
CA GLU A 363 -0.12 2.25 37.31
C GLU A 363 0.17 1.67 35.92
N GLN A 364 -0.64 0.71 35.47
CA GLN A 364 -0.48 0.03 34.15
C GLN A 364 -1.85 -0.30 33.57
N THR A 365 -1.90 -0.61 32.28
CA THR A 365 -3.14 -0.99 31.56
C THR A 365 -2.84 -2.22 30.69
N LEU A 366 -3.76 -3.19 30.70
CA LEU A 366 -3.53 -4.55 30.14
C LEU A 366 -4.62 -4.88 29.11
N THR A 367 -4.19 -5.23 27.89
CA THR A 367 -5.10 -5.51 26.75
C THR A 367 -4.96 -6.97 26.33
N LEU A 368 -6.08 -7.71 26.41
CA LEU A 368 -6.14 -9.13 25.99
C LEU A 368 -6.98 -9.20 24.74
N GLY A 369 -6.61 -10.12 23.83
CA GLY A 369 -7.24 -10.25 22.50
C GLY A 369 -7.09 -11.63 21.85
N SER A 370 -8.15 -12.08 21.19
CA SER A 370 -8.08 -13.07 20.07
C SER A 370 -8.25 -12.34 18.75
N GLU A 371 -7.78 -12.98 17.68
CA GLU A 371 -8.19 -12.64 16.30
C GLU A 371 -8.38 -13.92 15.47
N TRP A 372 -9.41 -13.93 14.61
CA TRP A 372 -9.59 -14.97 13.56
C TRP A 372 -9.80 -14.33 12.19
N THR A 373 -9.09 -14.85 11.20
CA THR A 373 -9.20 -14.44 9.77
C THR A 373 -9.36 -15.69 8.90
N GLU A 374 -10.12 -15.57 7.83
CA GLU A 374 -10.14 -16.52 6.70
C GLU A 374 -10.04 -15.73 5.40
N GLN A 375 -9.13 -16.16 4.54
CA GLN A 375 -9.07 -15.77 3.12
C GLN A 375 -9.51 -16.97 2.27
N LYS A 376 -10.65 -16.85 1.57
CA LYS A 376 -10.99 -17.75 0.42
C LYS A 376 -10.63 -17.00 -0.85
N LEU A 377 -9.82 -17.61 -1.72
CA LEU A 377 -9.52 -17.06 -3.07
C LEU A 377 -10.01 -18.04 -4.12
N ASP A 378 -10.93 -17.59 -4.97
CA ASP A 378 -11.20 -18.23 -6.28
C ASP A 378 -10.55 -17.44 -7.41
N ASP A 379 -9.61 -18.06 -8.10
CA ASP A 379 -8.94 -17.50 -9.31
C ASP A 379 -9.00 -18.50 -10.46
N PRO A 380 -9.86 -18.25 -11.49
CA PRO A 380 -10.10 -19.23 -12.53
C PRO A 380 -9.05 -19.30 -13.64
N SER A 381 -8.02 -18.46 -13.55
CA SER A 381 -7.20 -18.03 -14.70
C SER A 381 -5.72 -18.15 -14.33
N SER A 382 -5.41 -17.98 -13.04
CA SER A 382 -4.01 -17.89 -12.53
C SER A 382 -3.36 -19.28 -12.53
N ASN A 383 -4.17 -20.33 -12.48
CA ASN A 383 -3.71 -21.72 -12.26
C ASN A 383 -3.81 -22.51 -13.56
N THR A 384 -3.64 -21.85 -14.71
CA THR A 384 -4.04 -22.35 -16.05
C THR A 384 -2.87 -22.28 -17.02
N GLN A 385 -1.66 -22.10 -16.49
CA GLN A 385 -0.40 -22.41 -17.20
C GLN A 385 -0.28 -23.93 -17.37
N ASN A 386 -0.03 -24.36 -18.61
CA ASN A 386 -0.02 -25.77 -19.04
C ASN A 386 1.43 -26.18 -19.34
N THR A 387 1.65 -27.48 -19.45
CA THR A 387 2.98 -28.11 -19.26
C THR A 387 3.37 -28.77 -20.57
N GLU A 388 2.91 -28.19 -21.68
CA GLU A 388 3.02 -28.82 -23.02
C GLU A 388 4.41 -28.55 -23.62
N GLU A 389 4.94 -27.35 -23.38
CA GLU A 389 6.16 -26.86 -24.06
C GLU A 389 7.38 -27.10 -23.18
N GLY A 390 7.16 -27.26 -21.88
CA GLY A 390 8.24 -27.34 -20.88
C GLY A 390 8.33 -28.70 -20.22
N GLY A 391 7.37 -29.57 -20.50
CA GLY A 391 7.28 -30.93 -19.94
C GLY A 391 6.52 -30.87 -18.63
N SER A 392 6.00 -32.02 -18.20
CA SER A 392 5.04 -32.13 -17.07
C SER A 392 5.78 -32.11 -15.72
N ILE A 393 5.06 -31.82 -14.64
CA ILE A 393 5.68 -31.62 -13.30
C ILE A 393 5.06 -32.60 -12.32
N PRO A 394 5.79 -33.66 -11.91
CA PRO A 394 5.24 -34.61 -10.96
C PRO A 394 4.62 -33.92 -9.75
N GLY A 395 3.36 -34.22 -9.48
CA GLY A 395 2.56 -33.55 -8.43
C GLY A 395 1.57 -32.54 -8.97
N LEU A 396 1.76 -32.05 -10.20
CA LEU A 396 0.99 -30.86 -10.66
C LEU A 396 0.27 -31.21 -11.95
N ALA A 397 -1.06 -31.30 -11.93
CA ALA A 397 -1.88 -31.57 -13.12
C ALA A 397 -1.75 -30.39 -14.10
N GLY A 398 -1.53 -30.69 -15.37
CA GLY A 398 -1.32 -29.70 -16.44
C GLY A 398 -2.60 -28.98 -16.85
N LYS A 399 -3.75 -29.58 -16.57
CA LYS A 399 -5.08 -29.08 -17.04
C LYS A 399 -6.09 -29.05 -15.89
N ASN A 400 -7.00 -28.07 -15.90
CA ASN A 400 -8.08 -27.91 -14.91
C ASN A 400 -7.53 -28.15 -13.51
N ARG A 401 -6.52 -27.37 -13.12
CA ARG A 401 -6.03 -27.34 -11.72
C ARG A 401 -7.00 -26.49 -10.89
N SER A 402 -7.19 -26.87 -9.63
CA SER A 402 -8.13 -26.25 -8.66
C SER A 402 -8.08 -24.73 -8.79
N SER A 403 -9.24 -24.08 -8.62
CA SER A 403 -9.39 -22.61 -8.61
C SER A 403 -9.23 -22.06 -7.20
N SER A 404 -9.12 -22.93 -6.20
CA SER A 404 -9.23 -22.58 -4.74
C SER A 404 -7.84 -22.46 -4.11
N SER A 405 -7.63 -21.39 -3.34
CA SER A 405 -6.67 -21.31 -2.22
C SER A 405 -7.43 -20.76 -1.02
N SER A 406 -6.97 -21.11 0.18
CA SER A 406 -7.47 -20.55 1.45
C SER A 406 -6.37 -20.63 2.49
N ALA A 407 -6.40 -19.71 3.45
CA ALA A 407 -5.63 -19.83 4.69
C ALA A 407 -6.47 -19.26 5.82
N ARG A 408 -6.34 -19.84 7.00
CA ARG A 408 -6.87 -19.28 8.26
C ARG A 408 -5.69 -18.97 9.19
N ILE A 409 -5.67 -17.80 9.80
CA ILE A 409 -4.80 -17.49 10.95
C ILE A 409 -5.66 -17.31 12.20
N PHE A 410 -5.36 -18.05 13.26
CA PHE A 410 -5.88 -17.77 14.62
C PHE A 410 -4.77 -17.14 15.47
N SER A 411 -5.16 -16.18 16.31
CA SER A 411 -4.22 -15.26 17.00
C SER A 411 -4.71 -15.03 18.43
N LEU A 412 -3.78 -15.13 19.38
CA LEU A 412 -3.93 -14.59 20.76
C LEU A 412 -2.91 -13.48 20.97
N PHE A 413 -3.24 -12.52 21.84
CA PHE A 413 -2.27 -11.50 22.28
C PHE A 413 -2.66 -10.91 23.63
N ALA A 414 -1.64 -10.39 24.32
CA ALA A 414 -1.74 -9.44 25.45
C ALA A 414 -0.71 -8.33 25.29
N GLU A 415 -1.09 -7.10 25.66
CA GLU A 415 -0.16 -5.96 25.76
C GLU A 415 -0.28 -5.40 27.17
N ASP A 416 0.86 -5.22 27.84
CA ASP A 416 0.97 -4.41 29.09
C ASP A 416 1.62 -3.05 28.78
N ASN A 417 0.87 -2.01 29.09
CA ASN A 417 1.31 -0.58 29.03
C ASN A 417 1.64 -0.12 30.44
N ILE A 418 2.91 -0.29 30.82
CA ILE A 418 3.41 -0.04 32.20
C ILE A 418 3.90 1.41 32.30
N GLU A 419 3.50 2.11 33.37
CA GLU A 419 4.15 3.33 33.88
C GLU A 419 5.06 2.96 35.06
N LEU A 420 6.39 3.09 34.90
CA LEU A 420 7.41 2.84 35.95
C LEU A 420 7.49 4.05 36.88
N MET A 421 7.44 5.26 36.29
CA MET A 421 7.43 6.57 37.00
C MET A 421 6.82 7.62 36.08
N PRO A 422 6.04 8.58 36.61
CA PRO A 422 5.31 9.53 35.78
C PRO A 422 6.14 10.00 34.56
N GLY A 423 5.73 9.59 33.35
CA GLY A 423 6.30 10.09 32.08
C GLY A 423 7.02 9.02 31.30
N THR A 424 7.65 8.07 32.01
CA THR A 424 8.17 6.81 31.42
C THR A 424 7.00 5.86 31.16
N MET A 425 7.05 5.11 30.05
CA MET A 425 6.12 4.00 29.72
C MET A 425 6.89 2.81 29.14
N LEU A 426 6.71 1.63 29.72
CA LEU A 426 7.23 0.36 29.16
C LEU A 426 6.07 -0.51 28.67
N THR A 427 6.14 -0.94 27.41
CA THR A 427 5.00 -1.64 26.76
C THR A 427 5.53 -2.94 26.16
N PRO A 428 5.52 -4.04 26.93
CA PRO A 428 5.72 -5.37 26.35
C PRO A 428 4.41 -6.01 25.88
N GLY A 429 4.46 -6.72 24.75
CA GLY A 429 3.34 -7.52 24.26
C GLY A 429 3.80 -8.83 23.63
N LEU A 430 2.99 -9.87 23.70
CA LEU A 430 3.20 -11.14 22.96
C LEU A 430 2.03 -11.29 22.01
N ARG A 431 2.33 -11.49 20.73
CA ARG A 431 1.35 -12.01 19.76
C ARG A 431 1.73 -13.43 19.35
N TRP A 432 0.76 -14.34 19.39
CA TRP A 432 0.89 -15.73 18.90
C TRP A 432 -0.12 -15.97 17.79
N ASP A 433 0.35 -16.48 16.65
CA ASP A 433 -0.49 -16.73 15.45
C ASP A 433 -0.37 -18.20 15.10
N HIS A 434 -1.50 -18.88 14.89
CA HIS A 434 -1.52 -20.20 14.20
C HIS A 434 -2.03 -20.01 12.77
N HIS A 435 -1.13 -20.14 11.81
CA HIS A 435 -1.45 -20.27 10.37
C HIS A 435 -1.63 -21.75 10.07
N ASP A 436 -2.77 -22.09 9.48
CA ASP A 436 -3.26 -23.49 9.30
C ASP A 436 -2.44 -24.23 8.24
N ILE A 437 -1.50 -23.56 7.57
CA ILE A 437 -0.55 -24.24 6.64
C ILE A 437 0.88 -24.01 7.14
N VAL A 438 1.24 -22.76 7.40
CA VAL A 438 2.65 -22.35 7.62
C VAL A 438 3.09 -22.81 9.00
N GLY A 439 2.18 -22.71 9.98
CA GLY A 439 2.42 -23.19 11.34
C GLY A 439 2.30 -22.09 12.38
N ASP A 440 3.02 -22.24 13.47
CA ASP A 440 2.93 -21.35 14.66
C ASP A 440 3.92 -20.20 14.47
N ASN A 441 3.49 -18.97 14.75
CA ASN A 441 4.41 -17.81 14.87
C ASN A 441 4.33 -17.21 16.27
N TRP A 442 5.50 -16.84 16.81
CA TRP A 442 5.63 -15.97 18.01
C TRP A 442 6.21 -14.60 17.59
N SER A 443 5.38 -13.55 17.68
CA SER A 443 5.80 -12.14 17.51
C SER A 443 5.79 -11.41 18.86
N PRO A 444 6.92 -11.40 19.59
CA PRO A 444 7.08 -10.57 20.79
C PRO A 444 7.37 -9.11 20.41
N SER A 445 7.11 -8.19 21.34
CA SER A 445 7.38 -6.75 21.14
C SER A 445 7.64 -6.03 22.46
N LEU A 446 8.41 -4.94 22.40
CA LEU A 446 8.70 -4.06 23.55
C LEU A 446 8.91 -2.63 23.08
N ASN A 447 8.12 -1.70 23.63
CA ASN A 447 8.26 -0.26 23.30
C ASN A 447 8.45 0.57 24.57
N LEU A 448 9.59 1.26 24.64
CA LEU A 448 9.92 2.23 25.71
C LEU A 448 9.75 3.64 25.16
N SER A 449 9.09 4.50 25.94
CA SER A 449 9.16 5.97 25.79
C SER A 449 9.48 6.63 27.13
N HIS A 450 10.39 7.60 27.12
CA HIS A 450 11.13 8.11 28.31
C HIS A 450 11.23 9.64 28.26
N ALA A 451 10.49 10.31 29.15
CA ALA A 451 10.69 11.74 29.45
C ALA A 451 12.08 11.92 30.05
N LEU A 452 13.00 12.49 29.27
CA LEU A 452 14.34 12.92 29.73
C LEU A 452 14.18 14.32 30.32
N THR A 453 13.41 15.16 29.65
CA THR A 453 12.88 16.43 30.19
C THR A 453 11.40 16.51 29.87
N GLU A 454 10.71 17.49 30.46
CA GLU A 454 9.33 17.88 30.10
C GLU A 454 9.25 18.25 28.63
N ARG A 455 10.40 18.48 27.99
CA ARG A 455 10.47 18.96 26.59
C ARG A 455 11.03 17.85 25.67
N VAL A 456 11.66 16.82 26.24
CA VAL A 456 12.41 15.84 25.42
C VAL A 456 11.95 14.46 25.83
N THR A 457 11.73 13.60 24.84
CA THR A 457 11.28 12.19 24.99
C THR A 457 12.23 11.33 24.16
N LEU A 458 12.82 10.31 24.78
CA LEU A 458 13.61 9.28 24.07
C LEU A 458 12.72 8.06 23.87
N LYS A 459 12.71 7.49 22.66
CA LYS A 459 11.85 6.32 22.38
C LYS A 459 12.70 5.21 21.76
N ALA A 460 12.52 3.98 22.23
CA ALA A 460 13.23 2.80 21.70
C ALA A 460 12.26 1.64 21.60
N GLY A 461 12.36 0.86 20.52
CA GLY A 461 11.44 -0.26 20.25
C GLY A 461 12.15 -1.38 19.53
N ILE A 462 11.88 -2.62 19.92
CA ILE A 462 12.34 -3.81 19.17
C ILE A 462 11.19 -4.81 19.17
N ALA A 463 10.73 -5.19 17.97
CA ALA A 463 9.64 -6.18 17.80
C ALA A 463 9.94 -7.10 16.62
N ARG A 464 9.40 -8.31 16.66
CA ARG A 464 9.44 -9.29 15.54
C ARG A 464 8.08 -9.30 14.84
N ALA A 465 7.97 -8.67 13.68
CA ALA A 465 6.68 -8.57 12.96
C ALA A 465 6.54 -9.76 12.02
N TYR A 466 5.36 -9.88 11.41
CA TYR A 466 4.83 -11.15 10.90
C TYR A 466 4.41 -10.94 9.45
N LYS A 467 4.77 -11.88 8.58
CA LYS A 467 4.16 -11.97 7.22
C LYS A 467 3.77 -13.42 6.90
N ALA A 468 2.46 -13.65 6.74
CA ALA A 468 1.93 -14.89 6.14
C ALA A 468 2.15 -14.83 4.63
N PRO A 469 2.75 -15.87 4.03
CA PRO A 469 2.81 -15.96 2.57
C PRO A 469 1.42 -15.72 1.96
N ASN A 470 1.37 -15.02 0.82
CA ASN A 470 0.10 -14.77 0.10
C ASN A 470 -0.32 -16.06 -0.60
N LEU A 471 -1.60 -16.17 -0.94
CA LEU A 471 -2.19 -17.44 -1.44
C LEU A 471 -1.61 -17.80 -2.81
N TYR A 472 -0.96 -16.86 -3.50
CA TYR A 472 -0.26 -17.16 -4.77
C TYR A 472 1.03 -17.92 -4.47
N GLN A 473 1.84 -17.37 -3.57
CA GLN A 473 3.18 -17.88 -3.24
C GLN A 473 3.05 -19.29 -2.64
N LEU A 474 1.86 -19.61 -2.10
CA LEU A 474 1.65 -20.74 -1.15
C LEU A 474 1.01 -21.93 -1.87
N ASN A 475 0.58 -21.73 -3.11
CA ASN A 475 -0.34 -22.68 -3.81
C ASN A 475 0.42 -23.42 -4.90
N PRO A 476 0.74 -24.72 -4.71
CA PRO A 476 1.63 -25.41 -5.63
C PRO A 476 0.94 -25.70 -6.98
N ASP A 477 -0.31 -25.26 -7.11
CA ASP A 477 -1.02 -25.31 -8.42
C ASP A 477 -0.74 -24.04 -9.23
N TYR A 478 -0.15 -23.01 -8.60
CA TYR A 478 0.15 -21.71 -9.26
C TYR A 478 1.51 -21.79 -9.91
N LEU A 479 1.54 -21.58 -11.23
CA LEU A 479 2.65 -22.01 -12.10
C LEU A 479 2.86 -20.94 -13.15
N LEU A 480 4.08 -20.43 -13.20
CA LEU A 480 4.52 -19.49 -14.26
C LEU A 480 5.64 -20.17 -15.02
N TYR A 481 5.81 -19.78 -16.29
CA TYR A 481 6.80 -20.43 -17.19
C TYR A 481 7.57 -19.36 -17.96
N SER A 482 8.87 -19.59 -18.12
CA SER A 482 9.70 -18.81 -19.07
C SER A 482 10.50 -19.80 -19.93
N ARG A 483 10.67 -19.44 -21.20
CA ARG A 483 11.60 -20.13 -22.11
C ARG A 483 13.05 -19.93 -21.65
N GLY A 484 13.31 -19.01 -20.73
CA GLY A 484 14.65 -18.80 -20.19
C GLY A 484 14.94 -17.36 -19.87
N GLN A 485 14.32 -16.41 -20.57
CA GLN A 485 14.67 -14.96 -20.41
C GLN A 485 14.51 -14.55 -18.94
N GLY A 486 13.62 -15.21 -18.20
CA GLY A 486 13.33 -14.87 -16.80
C GLY A 486 13.76 -15.93 -15.82
N CYS A 487 14.71 -16.78 -16.19
CA CYS A 487 15.17 -17.91 -15.35
C CYS A 487 16.48 -17.56 -14.65
N TYR A 488 16.54 -17.73 -13.33
CA TYR A 488 17.73 -17.36 -12.54
C TYR A 488 18.84 -18.38 -12.80
N GLY A 489 19.96 -17.91 -13.35
CA GLY A 489 21.23 -18.67 -13.37
C GLY A 489 21.34 -19.58 -14.57
N GLN A 490 20.68 -19.22 -15.67
CA GLN A 490 20.60 -20.05 -16.91
C GLN A 490 19.75 -19.37 -18.00
N SER A 491 19.82 -19.90 -19.21
CA SER A 491 19.02 -19.45 -20.38
C SER A 491 17.91 -20.45 -20.72
N THR A 492 17.98 -21.65 -20.16
CA THR A 492 17.01 -22.74 -20.43
C THR A 492 15.61 -22.37 -19.91
N SER A 493 14.59 -22.99 -20.48
CA SER A 493 13.20 -22.98 -19.96
C SER A 493 13.20 -23.23 -18.46
N CYS A 494 12.25 -22.63 -17.76
CA CYS A 494 11.97 -22.95 -16.34
C CYS A 494 10.51 -22.68 -16.00
N TYR A 495 10.03 -23.41 -15.00
CA TYR A 495 8.76 -23.17 -14.28
C TYR A 495 9.07 -22.50 -12.94
N LEU A 496 8.18 -21.62 -12.50
CA LEU A 496 8.14 -21.16 -11.10
C LEU A 496 6.83 -21.65 -10.48
N ARG A 497 6.93 -22.17 -9.26
CA ARG A 497 5.83 -22.92 -8.62
C ARG A 497 5.62 -22.38 -7.21
N GLY A 498 4.36 -22.35 -6.79
CA GLY A 498 3.95 -22.17 -5.37
C GLY A 498 4.55 -23.24 -4.48
N ASN A 499 4.60 -22.93 -3.19
CA ASN A 499 5.40 -23.72 -2.22
C ASN A 499 4.63 -23.66 -0.89
N ASP A 500 3.82 -24.67 -0.58
CA ASP A 500 3.02 -24.69 0.67
C ASP A 500 3.91 -25.09 1.86
N GLY A 501 5.20 -25.28 1.62
CA GLY A 501 6.18 -25.61 2.67
C GLY A 501 6.79 -24.37 3.29
N LEU A 502 6.42 -23.21 2.77
CA LEU A 502 7.14 -21.93 3.03
C LEU A 502 7.12 -21.64 4.52
N LYS A 503 8.17 -20.98 5.00
CA LYS A 503 8.19 -20.28 6.31
C LYS A 503 7.59 -18.89 6.12
N ALA A 504 6.92 -18.37 7.15
CA ALA A 504 6.45 -16.97 7.19
C ALA A 504 7.66 -16.05 7.17
N GLU A 505 7.49 -14.84 6.61
CA GLU A 505 8.49 -13.75 6.73
C GLU A 505 8.36 -13.18 8.14
N THR A 506 9.49 -13.01 8.80
CA THR A 506 9.58 -12.26 10.07
C THR A 506 10.60 -11.14 9.87
N SER A 507 10.42 -10.06 10.63
CA SER A 507 11.36 -8.92 10.67
C SER A 507 11.50 -8.46 12.11
N VAL A 508 12.74 -8.37 12.58
CA VAL A 508 13.06 -7.68 13.85
C VAL A 508 13.26 -6.20 13.56
N ASN A 509 12.17 -5.43 13.64
CA ASN A 509 12.21 -3.95 13.49
C ASN A 509 12.74 -3.35 14.80
N LYS A 510 14.00 -2.88 14.77
CA LYS A 510 14.59 -1.93 15.75
C LYS A 510 14.24 -0.50 15.36
N GLU A 511 13.98 0.36 16.37
CA GLU A 511 13.96 1.84 16.22
C GLU A 511 14.45 2.54 17.50
N LEU A 512 15.32 3.54 17.33
CA LEU A 512 15.77 4.40 18.44
C LEU A 512 15.58 5.85 18.00
N GLY A 513 14.86 6.64 18.79
CA GLY A 513 14.52 8.03 18.38
C GLY A 513 14.57 8.99 19.54
N ILE A 514 14.69 10.28 19.22
CA ILE A 514 14.54 11.40 20.20
C ILE A 514 13.65 12.52 19.63
N GLU A 515 12.82 13.13 20.48
CA GLU A 515 11.96 14.27 20.07
C GLU A 515 11.95 15.35 21.15
N TYR A 516 12.22 16.59 20.74
CA TYR A 516 11.93 17.84 21.49
C TYR A 516 10.56 18.35 21.05
N SER A 517 9.68 18.62 22.03
CA SER A 517 8.30 19.13 21.78
C SER A 517 7.94 20.14 22.86
N HIS A 518 7.67 21.39 22.49
CA HIS A 518 7.35 22.47 23.47
C HIS A 518 6.81 23.67 22.71
N ASP A 519 5.54 24.03 22.95
CA ASP A 519 4.92 25.28 22.42
C ASP A 519 5.03 25.31 20.90
N GLY A 520 4.56 24.23 20.26
CA GLY A 520 4.48 24.12 18.79
C GLY A 520 5.85 24.17 18.12
N LEU A 521 6.90 24.05 18.93
CA LEU A 521 8.27 23.76 18.45
C LEU A 521 8.52 22.26 18.57
N VAL A 522 8.60 21.56 17.44
CA VAL A 522 8.84 20.09 17.46
C VAL A 522 10.04 19.76 16.58
N ALA A 523 10.97 18.99 17.12
CA ALA A 523 12.20 18.52 16.43
C ALA A 523 12.49 17.10 16.87
N GLY A 524 12.50 16.17 15.92
CA GLY A 524 12.71 14.73 16.18
C GLY A 524 13.57 14.07 15.11
N LEU A 525 14.33 13.05 15.51
CA LEU A 525 15.11 12.20 14.60
C LEU A 525 15.05 10.75 15.08
N THR A 526 14.64 9.84 14.21
CA THR A 526 14.60 8.39 14.49
C THR A 526 15.55 7.68 13.54
N TYR A 527 16.30 6.72 14.08
CA TYR A 527 16.98 5.66 13.32
C TYR A 527 16.13 4.40 13.40
N PHE A 528 15.95 3.72 12.27
CA PHE A 528 15.24 2.42 12.19
C PHE A 528 16.12 1.40 11.47
N ARG A 529 16.15 0.18 11.97
CA ARG A 529 16.75 -0.96 11.24
C ARG A 529 15.80 -2.14 11.38
N ASN A 530 15.38 -2.70 10.25
CA ASN A 530 14.53 -3.91 10.20
C ASN A 530 15.38 -5.04 9.64
N ASP A 531 15.65 -6.07 10.45
CA ASP A 531 16.36 -7.29 10.02
C ASP A 531 15.31 -8.29 9.56
N TYR A 532 15.41 -8.69 8.30
CA TYR A 532 14.29 -9.20 7.50
C TYR A 532 14.58 -10.66 7.14
N LYS A 533 13.94 -11.59 7.86
CA LYS A 533 14.21 -13.04 7.78
C LYS A 533 13.15 -13.70 6.89
N ASN A 534 13.60 -14.50 5.93
CA ASN A 534 12.71 -15.35 5.12
C ASN A 534 11.77 -14.47 4.30
N LYS A 535 12.31 -13.36 3.76
CA LYS A 535 11.54 -12.63 2.72
C LYS A 535 11.29 -13.57 1.55
N ILE A 536 10.01 -13.75 1.19
CA ILE A 536 9.55 -14.74 0.18
C ILE A 536 9.63 -14.11 -1.22
N GLU A 537 10.27 -14.85 -2.14
CA GLU A 537 10.76 -14.34 -3.44
C GLU A 537 10.90 -15.54 -4.38
N SER A 538 10.79 -15.28 -5.69
CA SER A 538 11.08 -16.28 -6.74
C SER A 538 12.46 -16.87 -6.52
N GLY A 539 12.56 -18.20 -6.58
CA GLY A 539 13.77 -18.94 -6.23
C GLY A 539 14.95 -18.59 -7.11
N LEU A 540 16.12 -19.06 -6.72
CA LEU A 540 17.40 -18.85 -7.46
C LEU A 540 17.92 -20.19 -8.01
N SER A 541 17.71 -21.28 -7.26
CA SER A 541 18.12 -22.66 -7.60
C SER A 541 16.91 -23.47 -8.06
N PRO A 542 17.08 -24.31 -9.10
CA PRO A 542 16.10 -25.33 -9.44
C PRO A 542 16.06 -26.38 -8.34
N VAL A 543 14.87 -26.89 -8.04
CA VAL A 543 14.69 -27.97 -7.03
C VAL A 543 14.21 -29.25 -7.71
N ASP A 544 14.05 -29.20 -9.03
CA ASP A 544 13.51 -30.31 -9.85
C ASP A 544 13.66 -29.92 -11.33
N HIS A 545 13.52 -30.90 -12.22
CA HIS A 545 13.40 -30.65 -13.67
C HIS A 545 12.15 -31.40 -14.19
N ALA A 546 11.39 -30.75 -15.06
CA ALA A 546 10.16 -31.33 -15.63
C ALA A 546 10.53 -32.38 -16.66
N SER A 547 9.57 -33.23 -17.05
CA SER A 547 9.81 -34.30 -18.03
C SER A 547 8.96 -34.08 -19.28
N GLY A 548 9.61 -34.01 -20.45
CA GLY A 548 8.94 -34.05 -21.75
C GLY A 548 8.77 -32.66 -22.29
N GLY A 549 7.80 -32.49 -23.19
CA GLY A 549 7.54 -31.21 -23.86
C GLY A 549 8.26 -31.12 -25.20
N LYS A 550 8.43 -29.90 -25.69
CA LYS A 550 8.75 -29.60 -27.12
C LYS A 550 10.18 -29.09 -27.24
N GLY A 551 11.03 -29.78 -28.00
CA GLY A 551 12.28 -29.22 -28.55
C GLY A 551 13.24 -28.77 -27.47
N ASP A 552 13.88 -27.63 -27.69
CA ASP A 552 14.94 -27.08 -26.80
C ASP A 552 14.34 -26.62 -25.46
N TYR A 553 13.01 -26.52 -25.42
CA TYR A 553 12.23 -26.10 -24.22
C TYR A 553 11.90 -27.27 -23.30
N ALA A 554 12.09 -28.49 -23.79
CA ALA A 554 11.73 -29.73 -23.06
C ALA A 554 12.45 -29.74 -21.72
N ASN A 555 11.91 -30.50 -20.77
CA ASN A 555 12.55 -30.85 -19.48
C ASN A 555 12.97 -29.59 -18.72
N ALA A 556 12.09 -28.59 -18.68
CA ALA A 556 12.39 -27.28 -18.09
C ALA A 556 12.79 -27.47 -16.63
N ALA A 557 13.54 -26.51 -16.08
CA ALA A 557 13.85 -26.43 -14.64
C ALA A 557 12.57 -26.15 -13.88
N ILE A 558 12.48 -26.63 -12.64
CA ILE A 558 11.45 -26.25 -11.63
C ILE A 558 12.13 -25.40 -10.55
N TYR A 559 11.69 -24.15 -10.42
CA TYR A 559 11.95 -23.32 -9.21
C TYR A 559 10.67 -23.24 -8.38
N GLN A 560 10.83 -23.06 -7.08
CA GLN A 560 9.72 -22.59 -6.20
C GLN A 560 9.98 -21.15 -5.72
N TRP A 561 8.90 -20.51 -5.27
CA TRP A 561 8.88 -19.45 -4.24
C TRP A 561 9.58 -19.95 -2.99
N GLU A 562 10.70 -19.31 -2.63
CA GLU A 562 11.57 -19.70 -1.50
C GLU A 562 11.62 -18.57 -0.47
N ASN A 563 12.37 -18.78 0.61
CA ASN A 563 12.51 -17.82 1.73
C ASN A 563 13.96 -17.35 1.80
N VAL A 564 14.27 -16.22 1.17
CA VAL A 564 15.61 -15.58 1.31
C VAL A 564 15.95 -15.49 2.79
N PRO A 565 17.12 -16.03 3.21
CA PRO A 565 17.42 -16.20 4.63
C PRO A 565 17.45 -14.86 5.36
N LYS A 566 18.18 -13.91 4.80
CA LYS A 566 18.40 -12.58 5.43
C LYS A 566 18.25 -11.46 4.39
N ALA A 567 17.54 -10.40 4.81
CA ALA A 567 17.62 -9.05 4.21
C ALA A 567 17.61 -7.96 5.28
N VAL A 568 18.03 -6.75 4.91
CA VAL A 568 18.11 -5.56 5.83
C VAL A 568 17.56 -4.34 5.11
N VAL A 569 16.76 -3.56 5.85
CA VAL A 569 16.59 -2.11 5.61
C VAL A 569 16.95 -1.30 6.84
N GLU A 570 17.22 -0.04 6.58
CA GLU A 570 17.96 0.87 7.49
C GLU A 570 17.67 2.28 6.99
N GLY A 571 17.33 3.21 7.87
CA GLY A 571 17.23 4.63 7.48
C GLY A 571 16.92 5.54 8.64
N LEU A 572 16.56 6.77 8.30
CA LEU A 572 16.34 7.87 9.27
C LEU A 572 14.98 8.49 8.98
N GLU A 573 14.23 8.77 10.04
CA GLU A 573 13.01 9.60 9.98
C GLU A 573 13.28 10.86 10.78
N GLY A 574 12.98 12.01 10.18
CA GLY A 574 13.11 13.32 10.85
C GLY A 574 11.84 14.14 10.72
N THR A 575 11.59 14.97 11.73
CA THR A 575 10.53 15.98 11.67
C THR A 575 11.09 17.26 12.28
N LEU A 576 10.68 18.41 11.78
CA LEU A 576 10.99 19.71 12.43
C LEU A 576 9.85 20.69 12.22
N THR A 577 9.26 21.20 13.31
CA THR A 577 8.17 22.19 13.17
C THR A 577 8.50 23.46 13.97
N LEU A 578 8.64 24.57 13.25
CA LEU A 578 8.97 25.89 13.82
C LEU A 578 7.78 26.80 13.63
N PRO A 579 7.26 27.38 14.74
CA PRO A 579 6.31 28.48 14.67
C PRO A 579 7.00 29.82 14.42
N LEU A 580 7.01 30.27 13.16
CA LEU A 580 7.71 31.51 12.76
C LEU A 580 7.03 32.70 13.46
N ALA A 581 5.70 32.75 13.39
CA ALA A 581 4.87 33.69 14.18
C ALA A 581 3.66 32.94 14.71
N ASP A 582 2.70 33.68 15.23
CA ASP A 582 1.37 33.15 15.61
C ASP A 582 0.65 32.65 14.35
N GLY A 583 0.69 33.48 13.31
CA GLY A 583 -0.02 33.29 12.04
C GLY A 583 0.60 32.22 11.16
N LEU A 584 1.79 31.72 11.50
CA LEU A 584 2.72 31.12 10.51
C LEU A 584 3.43 29.89 11.08
N LYS A 585 3.30 28.76 10.40
CA LYS A 585 3.87 27.47 10.85
C LYS A 585 4.69 26.87 9.73
N TRP A 586 5.95 26.52 10.01
CA TRP A 586 6.83 25.81 9.05
C TRP A 586 7.04 24.37 9.52
N SER A 587 6.60 23.40 8.73
CA SER A 587 6.67 21.94 9.04
C SER A 587 7.59 21.24 8.05
N ASN A 588 8.30 20.22 8.50
CA ASN A 588 9.19 19.43 7.63
C ASN A 588 9.13 17.98 8.08
N ASN A 589 8.98 17.05 7.14
CA ASN A 589 9.18 15.60 7.38
C ASN A 589 10.30 15.08 6.50
N LEU A 590 11.20 14.28 7.08
CA LEU A 590 12.37 13.70 6.37
C LEU A 590 12.35 12.18 6.41
N THR A 591 12.47 11.56 5.24
CA THR A 591 12.91 10.15 5.12
C THR A 591 14.32 10.15 4.53
N TYR A 592 15.23 9.40 5.13
CA TYR A 592 16.53 9.09 4.49
C TYR A 592 16.74 7.57 4.51
N MET A 593 16.79 6.95 3.33
CA MET A 593 16.98 5.48 3.20
C MET A 593 18.48 5.15 3.13
N LEU A 594 19.01 4.57 4.19
CA LEU A 594 20.45 4.20 4.32
C LEU A 594 20.76 2.96 3.48
N GLN A 595 20.00 1.88 3.69
CA GLN A 595 20.29 0.55 3.10
C GLN A 595 18.98 -0.18 2.80
N SER A 596 18.98 -0.95 1.71
CA SER A 596 17.94 -1.95 1.36
C SER A 596 18.60 -3.08 0.59
N LYS A 597 18.89 -4.20 1.26
CA LYS A 597 19.76 -5.28 0.71
C LYS A 597 19.09 -6.64 0.94
N ASN A 598 18.75 -7.31 -0.15
CA ASN A 598 18.66 -8.80 -0.19
C ASN A 598 20.06 -9.38 0.00
N LYS A 599 20.32 -9.97 1.17
CA LYS A 599 21.68 -10.28 1.65
C LYS A 599 22.21 -11.52 0.91
N GLU A 600 21.29 -12.29 0.31
CA GLU A 600 21.66 -13.44 -0.55
C GLU A 600 22.29 -12.93 -1.85
N THR A 601 21.53 -12.15 -2.62
CA THR A 601 21.87 -11.70 -4.00
C THR A 601 22.71 -10.41 -3.95
N GLY A 602 22.48 -9.60 -2.92
CA GLY A 602 23.13 -8.28 -2.75
C GLY A 602 22.45 -7.18 -3.52
N ASP A 603 21.35 -7.48 -4.22
CA ASP A 603 20.54 -6.49 -4.95
C ASP A 603 19.66 -5.76 -3.94
N VAL A 604 19.03 -4.69 -4.40
CA VAL A 604 18.04 -3.91 -3.58
C VAL A 604 16.74 -4.71 -3.44
N LEU A 605 15.97 -4.43 -2.38
CA LEU A 605 14.61 -4.96 -2.21
C LEU A 605 13.63 -4.12 -3.02
N SER A 606 13.43 -2.89 -2.55
CA SER A 606 12.62 -1.83 -3.20
C SER A 606 13.56 -0.95 -3.99
N VAL A 607 13.02 -0.10 -4.86
CA VAL A 607 13.69 1.16 -5.29
C VAL A 607 12.92 2.32 -4.70
N THR A 608 13.53 3.05 -3.76
CA THR A 608 12.98 4.29 -3.18
C THR A 608 14.02 5.38 -3.36
N PRO A 609 13.60 6.64 -3.17
CA PRO A 609 14.51 7.76 -3.28
C PRO A 609 15.43 7.77 -2.06
N ARG A 610 16.69 8.17 -2.26
CA ARG A 610 17.70 8.15 -1.19
C ARG A 610 17.18 8.98 -0.01
N TYR A 611 16.49 10.09 -0.29
CA TYR A 611 15.81 10.85 0.76
C TYR A 611 14.52 11.43 0.20
N THR A 612 13.69 11.92 1.10
CA THR A 612 12.45 12.64 0.79
C THR A 612 12.26 13.68 1.88
N LEU A 613 12.23 14.95 1.50
CA LEU A 613 11.94 16.07 2.42
C LEU A 613 10.64 16.71 1.96
N ASN A 614 9.62 16.74 2.81
CA ASN A 614 8.39 17.56 2.59
C ASN A 614 8.46 18.78 3.48
N SER A 615 8.18 19.94 2.90
CA SER A 615 8.09 21.21 3.65
C SER A 615 6.74 21.87 3.37
N MET A 616 5.96 22.13 4.42
CA MET A 616 4.80 23.04 4.31
C MET A 616 5.05 24.33 5.09
N LEU A 617 4.74 25.47 4.49
CA LEU A 617 4.50 26.74 5.20
C LEU A 617 3.00 26.94 5.28
N ASP A 618 2.47 27.15 6.48
CA ASP A 618 1.03 27.41 6.70
C ASP A 618 0.86 28.81 7.27
N TRP A 619 0.35 29.73 6.47
CA TRP A 619 0.07 31.14 6.88
C TRP A 619 -1.43 31.28 7.11
N GLN A 620 -1.83 31.58 8.33
CA GLN A 620 -3.24 31.87 8.71
C GLN A 620 -3.52 33.36 8.43
N ALA A 621 -3.59 33.73 7.16
CA ALA A 621 -3.35 35.10 6.67
C ALA A 621 -4.48 36.03 7.11
N THR A 622 -5.66 35.48 7.41
CA THR A 622 -6.73 36.21 8.11
C THR A 622 -7.45 35.25 9.05
N ASP A 623 -8.53 35.72 9.68
CA ASP A 623 -9.45 34.84 10.45
C ASP A 623 -10.00 33.75 9.52
N ASP A 624 -10.25 34.10 8.24
CA ASP A 624 -11.06 33.31 7.28
C ASP A 624 -10.13 32.65 6.25
N LEU A 625 -9.19 33.42 5.68
CA LEU A 625 -8.20 32.96 4.66
C LEU A 625 -7.01 32.28 5.35
N SER A 626 -6.55 31.20 4.72
CA SER A 626 -5.30 30.49 5.06
C SER A 626 -4.61 30.04 3.76
N LEU A 627 -3.28 30.15 3.77
CA LEU A 627 -2.45 30.01 2.55
C LEU A 627 -1.36 28.97 2.83
N GLN A 628 -1.08 28.15 1.83
CA GLN A 628 -0.15 27.00 1.98
C GLN A 628 0.87 27.05 0.85
N ALA A 629 2.15 27.00 1.18
CA ALA A 629 3.21 26.65 0.21
C ALA A 629 3.80 25.30 0.61
N THR A 630 4.10 24.45 -0.38
CA THR A 630 4.74 23.15 -0.13
C THR A 630 5.95 22.97 -1.05
N VAL A 631 6.96 22.28 -0.55
CA VAL A 631 8.02 21.68 -1.41
C VAL A 631 8.32 20.26 -0.93
N THR A 632 8.40 19.35 -1.90
CA THR A 632 9.00 18.02 -1.77
C THR A 632 10.31 17.96 -2.57
N TRP A 633 11.40 17.57 -1.92
CA TRP A 633 12.66 17.12 -2.56
C TRP A 633 12.67 15.61 -2.55
N TYR A 634 12.87 15.01 -3.72
CA TYR A 634 13.22 13.58 -3.86
C TYR A 634 14.71 13.47 -4.18
N GLY A 635 15.41 12.64 -3.41
CA GLY A 635 16.79 12.26 -3.74
C GLY A 635 16.91 11.30 -4.91
N LYS A 636 18.15 11.00 -5.24
CA LYS A 636 18.53 10.03 -6.31
C LYS A 636 17.70 8.75 -6.19
N GLN A 637 17.52 8.06 -7.31
CA GLN A 637 16.93 6.71 -7.34
C GLN A 637 17.82 5.81 -8.19
N LYS A 638 18.27 4.68 -7.66
CA LYS A 638 19.15 3.70 -8.36
C LYS A 638 18.38 2.43 -8.67
N PRO A 639 18.47 1.91 -9.92
CA PRO A 639 17.81 0.65 -10.27
C PRO A 639 18.55 -0.56 -9.71
N LYS A 640 17.92 -1.74 -9.83
CA LYS A 640 18.53 -3.04 -9.47
C LYS A 640 19.81 -3.26 -10.28
N LYS A 641 20.76 -3.96 -9.68
CA LYS A 641 22.10 -4.28 -10.24
C LYS A 641 22.03 -5.48 -11.19
N TYR A 642 21.14 -6.44 -10.90
CA TYR A 642 21.14 -7.76 -11.55
C TYR A 642 19.83 -7.96 -12.29
N ASP A 643 19.88 -8.70 -13.38
CA ASP A 643 18.67 -9.01 -14.20
C ASP A 643 18.03 -10.30 -13.64
N TYR A 644 17.12 -10.89 -14.40
CA TYR A 644 16.32 -12.05 -13.97
C TYR A 644 17.24 -13.26 -13.92
N HIS A 645 18.36 -13.17 -14.62
CA HIS A 645 19.35 -14.27 -14.72
C HIS A 645 20.22 -14.27 -13.47
N GLY A 646 20.32 -13.11 -12.83
CA GLY A 646 21.33 -12.84 -11.80
C GLY A 646 22.56 -12.15 -12.37
N ASP A 647 22.58 -11.94 -13.68
CA ASP A 647 23.70 -11.29 -14.41
C ASP A 647 23.62 -9.77 -14.23
N ARG A 648 24.77 -9.11 -14.04
CA ARG A 648 24.95 -7.64 -14.06
C ARG A 648 24.22 -7.05 -15.26
N VAL A 649 23.43 -5.99 -15.03
CA VAL A 649 22.72 -5.27 -16.11
C VAL A 649 23.73 -4.39 -16.84
N THR A 650 23.37 -3.94 -18.04
CA THR A 650 24.26 -3.13 -18.91
C THR A 650 23.45 -2.02 -19.62
N GLY A 651 24.17 -1.04 -20.15
CA GLY A 651 23.58 0.13 -20.84
C GLY A 651 22.49 0.79 -20.02
N SER A 652 21.37 1.13 -20.67
CA SER A 652 20.33 2.05 -20.15
C SER A 652 19.55 1.42 -18.99
N ALA A 653 19.85 0.16 -18.65
CA ALA A 653 19.32 -0.50 -17.43
C ALA A 653 19.96 0.09 -16.18
N ASN A 654 21.08 0.81 -16.33
CA ASN A 654 21.81 1.35 -15.16
C ASN A 654 21.34 2.79 -14.88
N ASP A 655 20.64 3.41 -15.83
CA ASP A 655 20.20 4.83 -15.77
C ASP A 655 19.59 5.11 -14.40
N GLN A 656 19.98 6.21 -13.77
CA GLN A 656 19.40 6.60 -12.47
C GLN A 656 18.52 7.83 -12.71
N LEU A 657 17.67 8.12 -11.72
CA LEU A 657 16.90 9.37 -11.67
C LEU A 657 17.62 10.36 -10.76
N SER A 658 17.88 11.54 -11.31
CA SER A 658 18.47 12.68 -10.57
C SER A 658 17.52 13.14 -9.47
N PRO A 659 18.06 13.72 -8.39
CA PRO A 659 17.23 14.40 -7.40
C PRO A 659 16.41 15.50 -8.09
N TYR A 660 15.19 15.73 -7.61
CA TYR A 660 14.29 16.76 -8.18
C TYR A 660 13.32 17.22 -7.11
N ALA A 661 12.72 18.38 -7.32
CA ALA A 661 11.75 18.93 -6.35
C ALA A 661 10.40 19.20 -7.02
N ILE A 662 9.35 19.17 -6.21
CA ILE A 662 7.97 19.55 -6.64
C ILE A 662 7.45 20.56 -5.65
N ALA A 663 7.10 21.75 -6.13
CA ALA A 663 6.59 22.87 -5.33
C ALA A 663 5.07 22.99 -5.52
N GLY A 664 4.36 23.50 -4.52
CA GLY A 664 2.93 23.84 -4.65
C GLY A 664 2.54 25.06 -3.84
N LEU A 665 1.60 25.84 -4.37
CA LEU A 665 0.87 26.88 -3.61
C LEU A 665 -0.58 26.49 -3.60
N GLY A 666 -1.26 26.73 -2.48
CA GLY A 666 -2.72 26.60 -2.38
C GLY A 666 -3.29 27.56 -1.37
N GLY A 667 -4.61 27.57 -1.24
CA GLY A 667 -5.32 28.26 -0.16
C GLY A 667 -6.59 27.51 0.17
N THR A 668 -7.16 27.83 1.34
CA THR A 668 -8.61 27.68 1.65
C THR A 668 -9.19 29.03 2.11
N TYR A 669 -10.13 29.59 1.34
CA TYR A 669 -10.85 30.83 1.71
C TYR A 669 -12.25 30.46 2.17
N ARG A 670 -12.53 30.67 3.45
CA ARG A 670 -13.77 30.21 4.10
C ARG A 670 -14.83 31.32 4.04
N LEU A 671 -15.85 31.14 3.19
CA LEU A 671 -16.90 32.16 2.97
C LEU A 671 -17.73 32.29 4.24
N SER A 672 -18.05 31.16 4.87
CA SER A 672 -18.92 31.12 6.07
C SER A 672 -18.68 29.82 6.82
N LYS A 673 -19.29 29.69 7.99
CA LYS A 673 -19.43 28.43 8.75
C LYS A 673 -19.86 27.28 7.82
N ASN A 674 -20.59 27.62 6.76
CA ASN A 674 -21.36 26.65 5.93
C ASN A 674 -20.57 26.29 4.67
N LEU A 675 -19.67 27.17 4.24
CA LEU A 675 -19.13 27.13 2.86
C LEU A 675 -17.66 27.55 2.84
N SER A 676 -16.79 26.64 2.41
CA SER A 676 -15.34 26.90 2.22
C SER A 676 -14.95 26.63 0.77
N LEU A 677 -13.96 27.36 0.27
CA LEU A 677 -13.42 27.14 -1.09
C LEU A 677 -11.92 26.94 -0.97
N GLY A 678 -11.40 26.06 -1.81
CA GLY A 678 -9.96 25.83 -2.03
C GLY A 678 -9.55 26.15 -3.45
N ALA A 679 -8.26 26.40 -3.63
CA ALA A 679 -7.64 26.49 -4.98
C ALA A 679 -6.13 26.46 -4.81
N GLY A 680 -5.43 25.92 -5.81
CA GLY A 680 -3.96 25.94 -5.82
C GLY A 680 -3.35 25.24 -7.01
N VAL A 681 -2.03 25.08 -6.94
CA VAL A 681 -1.19 24.52 -8.03
C VAL A 681 -0.27 23.49 -7.39
N ASP A 682 -0.38 22.24 -7.85
CA ASP A 682 0.67 21.21 -7.67
C ASP A 682 1.73 21.38 -8.75
N ASN A 683 2.98 21.11 -8.41
CA ASN A 683 4.14 21.13 -9.35
C ASN A 683 4.22 22.50 -10.07
N LEU A 684 4.35 23.56 -9.29
CA LEU A 684 4.52 24.96 -9.78
C LEU A 684 5.46 25.04 -10.98
N PHE A 685 6.63 24.41 -10.91
CA PHE A 685 7.73 24.57 -11.89
C PHE A 685 7.71 23.51 -12.99
N ASP A 686 6.62 22.73 -13.06
CA ASP A 686 6.38 21.75 -14.16
C ASP A 686 7.58 20.81 -14.30
N LYS A 687 8.15 20.36 -13.20
CA LYS A 687 9.10 19.22 -13.23
C LYS A 687 8.37 17.93 -13.61
N ARG A 688 8.69 17.34 -14.75
CA ARG A 688 7.95 16.16 -15.26
C ARG A 688 8.91 14.98 -15.47
N LEU A 689 8.43 13.78 -15.20
CA LEU A 689 9.17 12.54 -15.50
C LEU A 689 8.23 11.60 -16.25
N PHE A 690 8.81 10.64 -16.96
CA PHE A 690 8.14 9.80 -17.97
C PHE A 690 8.62 8.37 -17.81
N ARG A 691 7.69 7.43 -17.84
CA ARG A 691 8.01 5.99 -17.71
C ARG A 691 8.64 5.54 -19.02
N ALA A 692 9.88 5.07 -18.98
CA ALA A 692 10.61 4.63 -20.20
C ALA A 692 10.44 3.13 -20.41
N GLY A 693 9.94 2.43 -19.39
CA GLY A 693 9.87 0.97 -19.42
C GLY A 693 10.26 0.38 -18.09
N ASN A 694 10.51 -0.92 -18.10
CA ASN A 694 10.94 -1.65 -16.88
C ASN A 694 12.44 -1.39 -16.71
N ALA A 695 12.99 -1.98 -15.66
CA ALA A 695 14.30 -1.64 -15.08
C ALA A 695 15.42 -2.24 -15.93
N GLN A 696 15.20 -3.44 -16.46
CA GLN A 696 16.24 -4.21 -17.17
C GLN A 696 15.89 -4.37 -18.64
N GLY A 697 16.89 -4.78 -19.41
CA GLY A 697 16.74 -5.15 -20.83
C GLY A 697 16.09 -6.50 -20.93
N VAL A 698 15.22 -6.68 -21.92
CA VAL A 698 14.92 -8.00 -22.54
C VAL A 698 15.27 -7.92 -24.03
N VAL A 699 15.03 -9.00 -24.77
CA VAL A 699 15.15 -9.03 -26.26
C VAL A 699 14.23 -7.97 -26.89
N GLY A 700 14.81 -7.00 -27.60
CA GLY A 700 14.06 -5.95 -28.32
C GLY A 700 13.67 -4.77 -27.45
N ILE A 701 13.74 -4.89 -26.12
CA ILE A 701 13.32 -3.77 -25.22
C ILE A 701 14.46 -3.46 -24.24
N ASP A 702 15.26 -2.45 -24.56
CA ASP A 702 16.29 -1.91 -23.64
C ASP A 702 15.61 -1.56 -22.31
N GLY A 703 16.30 -1.77 -21.20
CA GLY A 703 15.86 -1.34 -19.87
C GLY A 703 15.70 0.16 -19.75
N ALA A 704 15.06 0.57 -18.66
CA ALA A 704 14.76 1.99 -18.35
C ALA A 704 15.32 2.38 -16.98
N GLY A 705 15.97 1.45 -16.28
CA GLY A 705 16.54 1.67 -14.93
C GLY A 705 15.51 2.15 -13.93
N ALA A 706 15.75 3.33 -13.35
CA ALA A 706 14.86 3.94 -12.34
C ALA A 706 13.82 4.83 -13.00
N ALA A 707 13.78 4.91 -14.34
CA ALA A 707 12.76 5.74 -15.00
C ALA A 707 11.52 4.88 -15.28
N THR A 708 10.80 4.47 -14.22
CA THR A 708 9.75 3.44 -14.30
C THR A 708 8.34 4.02 -14.08
N TYR A 709 8.25 5.31 -13.79
CA TYR A 709 6.98 5.95 -13.40
C TYR A 709 6.85 7.31 -14.10
N ASN A 710 5.63 7.80 -14.16
CA ASN A 710 5.30 9.15 -14.68
C ASN A 710 5.11 10.10 -13.50
N GLU A 711 5.88 11.18 -13.47
CA GLU A 711 5.65 12.34 -12.59
C GLU A 711 4.76 13.33 -13.33
N PRO A 712 3.61 13.69 -12.74
CA PRO A 712 2.70 14.67 -13.33
C PRO A 712 3.26 16.09 -13.34
N GLY A 713 2.85 16.87 -14.34
CA GLY A 713 3.31 18.26 -14.51
C GLY A 713 2.44 19.23 -13.74
N ARG A 714 2.60 20.51 -14.04
CA ARG A 714 1.78 21.57 -13.41
C ARG A 714 0.31 21.20 -13.55
N THR A 715 -0.45 21.48 -12.49
CA THR A 715 -1.83 20.98 -12.31
C THR A 715 -2.54 21.95 -11.38
N PHE A 716 -3.47 22.73 -11.92
CA PHE A 716 -4.32 23.62 -11.09
C PHE A 716 -5.43 22.76 -10.50
N TYR A 717 -5.99 23.15 -9.36
CA TYR A 717 -7.07 22.40 -8.69
C TYR A 717 -7.98 23.42 -8.01
N THR A 718 -9.26 23.09 -7.91
CA THR A 718 -10.22 23.91 -7.13
C THR A 718 -11.12 22.99 -6.31
N SER A 719 -11.68 23.49 -5.21
CA SER A 719 -12.36 22.64 -4.21
C SER A 719 -13.48 23.45 -3.56
N LEU A 720 -14.49 22.76 -3.06
CA LEU A 720 -15.68 23.42 -2.46
C LEU A 720 -16.25 22.47 -1.41
N THR A 721 -16.45 22.95 -0.18
CA THR A 721 -17.05 22.13 0.90
C THR A 721 -18.21 22.91 1.54
N ALA A 722 -19.42 22.41 1.38
CA ALA A 722 -20.62 22.88 2.11
C ALA A 722 -20.96 21.91 3.24
N SER A 723 -21.17 22.42 4.45
CA SER A 723 -21.44 21.54 5.59
C SER A 723 -22.29 22.28 6.62
N PHE A 724 -23.01 21.51 7.42
CA PHE A 724 -23.62 21.93 8.71
C PHE A 724 -23.17 20.96 9.81
C1 EDO B . 13.73 -16.54 -23.62
O1 EDO B . 12.75 -16.41 -22.60
C2 EDO B . 13.17 -16.17 -24.94
O2 EDO B . 11.83 -15.71 -24.84
N6 Q5N C . 8.65 -12.60 -28.53
C17 Q5N C . 8.02 -13.54 -27.81
O4 Q5N C . 8.24 -14.74 -27.94
C18 Q5N C . 7.01 -13.06 -26.76
C19 Q5N C . 7.27 -11.61 -26.30
C20 Q5N C . 8.42 -11.42 -25.33
C21 Q5N C . 8.57 -9.98 -24.85
C22 Q5N C . 9.85 -9.74 -24.08
N7 Q5N C . 10.11 -10.77 -23.10
C23 Q5N C . 10.13 -10.52 -21.79
O5 Q5N C . 10.00 -9.37 -21.36
C24 Q5N C . 10.32 -11.64 -20.84
C25 Q5N C . 10.28 -11.41 -19.46
C26 Q5N C . 10.45 -12.42 -18.55
C27 Q5N C . 10.67 -13.72 -19.00
C28 Q5N C . 10.71 -13.99 -20.36
O6 Q5N C . 10.91 -15.26 -20.83
C29 Q5N C . 10.54 -12.96 -21.28
O7 Q5N C . 10.58 -13.31 -22.59
N8 Q5N C . 7.04 -14.10 -25.73
C30 Q5N C . 6.50 -15.28 -25.80
O8 Q5N C . 5.60 -15.47 -26.57
C31 Q5N C . 6.98 -16.36 -24.89
C32 Q5N C . 6.21 -17.52 -24.76
C33 Q5N C . 6.52 -18.48 -23.85
C34 Q5N C . 7.56 -18.26 -22.91
C35 Q5N C . 8.37 -17.15 -23.05
O9 Q5N C . 9.41 -16.97 -22.16
C36 Q5N C . 8.06 -16.17 -23.99
O10 Q5N C . 8.86 -15.08 -24.02
FE FE D . 10.80 -15.51 -22.91
#